data_3G76
#
_entry.id   3G76
#
_cell.length_a   119.077
_cell.length_b   119.077
_cell.length_c   105.590
_cell.angle_alpha   90.00
_cell.angle_beta   90.00
_cell.angle_gamma   120.00
#
_symmetry.space_group_name_H-M   'P 31'
#
loop_
_entity.id
_entity.type
_entity.pdbx_description
1 polymer 'Baculoviral IAP repeat-containing protein 4'
2 non-polymer 'ZINC ION'
3 non-polymer "1,1'-{hexa-2,4-diyne-1,6-diylbis[oxy{(2S,3R)-2-[(N-methyl-L-alanyl)amino]-1-oxobutane-3,1-diyl}(2S)pyrrolidine-1,2-diylmethanediyl]}bis[5-(phenylsulfanyl)-1H-tetrazole]"
4 water water
#
_entity_poly.entity_id   1
_entity_poly.type   'polypeptide(L)'
_entity_poly.pdbx_seq_one_letter_code
;SDAVSSDRNFPNSTNLPRNPSMADYEARIFTFGTWIYSVNKEQLARAGFYALGEGDKVKCFHCGGGLTDWKPSEDPWEQH
AKWYPGCKYLLEQKGQEYINNIHLTHSLEECLVRTTHHHHHH
;
_entity_poly.pdbx_strand_id   A,B,C,D,E,F,G,H
#
loop_
_chem_comp.id
_chem_comp.type
_chem_comp.name
_chem_comp.formula
CZ3 non-polymer 1,1'-{hexa-2,4-diyne-1,6-diylbis[oxy{(2S,3R)-2-[(N-methyl-L-alanyl)amino]-1-oxobutane-3,1-diyl}(2S)pyrrolidine-1,2-diylmethanediyl]}bis[5-(phenylsulfanyl)-1H-tetrazole] 'C46 H60 N14 O6 S2'
ZN non-polymer 'ZINC ION' 'Zn 2'
#
# COMPACT_ATOMS: atom_id res chain seq x y z
N ASN A 12 -24.59 37.36 -0.27
CA ASN A 12 -25.22 37.96 -1.43
C ASN A 12 -24.88 37.11 -2.63
N SER A 13 -23.68 37.27 -3.25
CA SER A 13 -23.09 36.38 -4.24
C SER A 13 -21.65 36.18 -3.81
N THR A 14 -21.05 35.04 -4.09
CA THR A 14 -19.67 34.81 -3.61
C THR A 14 -18.66 34.24 -4.62
N ASN A 15 -17.49 33.86 -4.14
CA ASN A 15 -16.49 33.13 -4.95
C ASN A 15 -16.09 33.61 -6.36
N LEU A 16 -15.35 34.72 -6.43
CA LEU A 16 -14.41 35.05 -7.51
C LEU A 16 -12.91 34.89 -7.20
N PRO A 17 -11.99 34.88 -7.99
CA PRO A 17 -10.55 34.68 -7.84
C PRO A 17 -9.87 35.85 -7.13
N ARG A 18 -9.19 35.31 -5.99
CA ARG A 18 -7.96 35.87 -5.45
C ARG A 18 -6.95 36.55 -6.37
N ASN A 19 -6.53 36.48 -7.50
CA ASN A 19 -5.42 37.06 -8.24
C ASN A 19 -6.21 37.01 -9.55
N PRO A 20 -7.17 37.99 -9.80
CA PRO A 20 -8.04 38.04 -10.98
C PRO A 20 -7.15 38.55 -12.12
N SER A 21 -5.69 38.61 -12.09
CA SER A 21 -4.71 39.05 -13.09
C SER A 21 -4.09 37.86 -13.82
N MET A 22 -4.55 36.51 -13.05
CA MET A 22 -4.18 35.29 -13.76
C MET A 22 -5.42 34.57 -14.33
N ALA A 23 -6.48 35.34 -14.56
CA ALA A 23 -7.74 34.81 -15.07
C ALA A 23 -7.70 34.45 -16.57
N ASP A 24 -6.78 35.06 -17.30
CA ASP A 24 -6.65 34.86 -18.74
C ASP A 24 -5.53 33.87 -19.08
N TYR A 25 -5.90 32.84 -19.84
CA TYR A 25 -4.96 31.82 -20.29
C TYR A 25 -3.62 32.40 -20.72
N GLU A 26 -3.67 33.53 -21.42
CA GLU A 26 -2.45 34.20 -21.89
C GLU A 26 -1.55 34.56 -20.71
N ALA A 27 -2.11 35.26 -19.73
CA ALA A 27 -1.39 35.62 -18.53
C ALA A 27 -0.70 34.40 -17.93
N ARG A 28 -1.34 33.23 -18.09
CA ARG A 28 -0.83 32.03 -17.44
C ARG A 28 0.32 31.38 -18.21
N ILE A 29 0.11 31.06 -19.49
CA ILE A 29 1.19 30.51 -20.31
C ILE A 29 2.37 31.47 -20.33
N PHE A 30 2.09 32.73 -20.00
CA PHE A 30 3.12 33.77 -19.87
C PHE A 30 4.23 33.25 -18.96
N THR A 31 3.83 32.67 -17.83
CA THR A 31 4.77 32.21 -16.82
C THR A 31 5.46 30.91 -17.21
N PHE A 32 4.85 30.15 -18.11
CA PHE A 32 5.40 28.87 -18.54
C PHE A 32 6.33 29.02 -19.75
N GLY A 33 7.10 30.10 -19.78
CA GLY A 33 8.07 30.32 -20.85
C GLY A 33 9.35 29.55 -20.60
N THR A 34 9.79 29.57 -19.34
CA THR A 34 11.02 28.90 -18.92
C THR A 34 10.69 27.61 -18.17
N TRP A 35 9.61 26.97 -18.57
CA TRP A 35 9.19 25.71 -17.95
C TRP A 35 10.06 24.58 -18.45
N ILE A 36 10.71 23.90 -17.51
CA ILE A 36 11.68 22.87 -17.85
C ILE A 36 11.09 21.45 -17.75
N TYR A 37 9.82 21.37 -17.33
CA TYR A 37 9.22 20.10 -16.99
C TYR A 37 8.38 19.50 -18.11
N SER A 38 8.31 18.18 -18.13
CA SER A 38 7.56 17.42 -19.14
C SER A 38 6.04 17.45 -18.89
N VAL A 39 5.64 18.05 -17.77
CA VAL A 39 4.23 18.23 -17.51
C VAL A 39 3.74 19.39 -18.34
N ASN A 40 2.86 19.09 -19.28
CA ASN A 40 2.37 20.04 -20.26
C ASN A 40 2.02 21.42 -19.70
N LYS A 41 2.76 22.42 -20.17
CA LYS A 41 2.55 23.81 -19.79
C LYS A 41 1.15 24.29 -20.15
N GLU A 42 0.72 23.92 -21.36
CA GLU A 42 -0.59 24.35 -21.88
C GLU A 42 -1.76 23.78 -21.06
N GLN A 43 -1.77 22.46 -20.86
CA GLN A 43 -2.81 21.83 -20.03
C GLN A 43 -2.78 22.37 -18.60
N LEU A 44 -1.58 22.70 -18.10
CA LEU A 44 -1.44 23.32 -16.80
C LEU A 44 -2.07 24.69 -16.78
N ALA A 45 -1.75 25.51 -17.79
CA ALA A 45 -2.35 26.84 -17.92
C ALA A 45 -3.86 26.75 -18.21
N ARG A 46 -4.22 25.85 -19.10
CA ARG A 46 -5.60 25.62 -19.51
C ARG A 46 -6.43 25.11 -18.31
N ALA A 47 -5.76 24.56 -17.31
CA ALA A 47 -6.40 24.08 -16.08
C ALA A 47 -6.44 25.13 -14.96
N GLY A 48 -6.10 26.38 -15.31
CA GLY A 48 -6.09 27.47 -14.35
C GLY A 48 -4.79 27.56 -13.55
N PHE A 49 -3.77 26.83 -13.98
CA PHE A 49 -2.49 26.85 -13.27
C PHE A 49 -1.46 27.84 -13.81
N TYR A 50 -0.53 28.22 -12.94
CA TYR A 50 0.55 29.14 -13.30
C TYR A 50 1.76 28.86 -12.38
N ALA A 51 2.96 28.84 -12.95
CA ALA A 51 4.18 28.60 -12.15
C ALA A 51 4.47 29.77 -11.22
N LEU A 52 4.89 29.45 -9.99
CA LEU A 52 5.17 30.48 -8.99
C LEU A 52 6.57 31.07 -9.10
N GLY A 53 7.48 30.28 -9.66
CA GLY A 53 8.87 30.71 -9.81
C GLY A 53 9.84 29.73 -9.18
N GLU A 54 9.34 28.84 -8.34
CA GLU A 54 10.17 27.78 -7.77
C GLU A 54 9.69 26.40 -8.23
N GLY A 55 10.64 25.52 -8.55
CA GLY A 55 10.37 24.13 -8.90
C GLY A 55 9.23 23.95 -9.86
N ASP A 56 8.42 22.91 -9.67
CA ASP A 56 7.19 22.76 -10.45
C ASP A 56 5.96 23.29 -9.71
N LYS A 57 6.22 24.15 -8.72
CA LYS A 57 5.19 24.77 -7.90
C LYS A 57 4.26 25.65 -8.73
N VAL A 58 3.01 25.21 -8.86
CA VAL A 58 1.96 26.02 -9.48
C VAL A 58 0.83 26.35 -8.49
N LYS A 59 -0.15 27.15 -8.95
CA LYS A 59 -1.36 27.45 -8.19
C LYS A 59 -2.54 27.62 -9.12
N CYS A 60 -3.76 27.39 -8.61
CA CYS A 60 -4.97 27.73 -9.37
C CYS A 60 -5.26 29.22 -9.25
N PHE A 61 -5.53 29.87 -10.39
CA PHE A 61 -5.74 31.31 -10.40
C PHE A 61 -7.00 31.70 -9.63
N HIS A 62 -7.95 30.76 -9.57
CA HIS A 62 -9.25 30.99 -8.95
C HIS A 62 -9.28 30.58 -7.47
N CYS A 63 -8.97 29.31 -7.21
CA CYS A 63 -9.02 28.76 -5.87
C CYS A 63 -7.63 28.71 -5.21
N GLY A 64 -6.62 29.25 -5.89
CA GLY A 64 -5.25 29.31 -5.35
C GLY A 64 -4.68 27.99 -4.86
N GLY A 65 -5.19 26.89 -5.40
CA GLY A 65 -4.74 25.55 -5.03
C GLY A 65 -3.35 25.25 -5.56
N GLY A 66 -2.43 24.99 -4.64
CA GLY A 66 -1.02 24.78 -4.98
C GLY A 66 -0.70 23.33 -5.27
N LEU A 67 0.16 23.09 -6.25
CA LEU A 67 0.55 21.73 -6.64
C LEU A 67 2.01 21.64 -7.04
N THR A 68 2.68 20.55 -6.62
CA THR A 68 4.07 20.25 -6.98
C THR A 68 4.25 18.77 -7.23
N ASP A 69 5.51 18.35 -7.40
CA ASP A 69 5.85 16.93 -7.55
C ASP A 69 5.17 16.30 -8.75
N TRP A 70 4.92 17.10 -9.78
CA TRP A 70 4.19 16.62 -10.96
C TRP A 70 4.90 15.42 -11.61
N LYS A 71 4.13 14.40 -11.96
CA LYS A 71 4.69 13.28 -12.70
C LYS A 71 4.73 13.69 -14.15
N PRO A 72 5.75 13.22 -14.91
CA PRO A 72 5.96 13.58 -16.32
C PRO A 72 4.75 13.40 -17.27
N SER A 73 3.71 12.71 -16.82
CA SER A 73 2.56 12.41 -17.68
C SER A 73 1.19 12.62 -17.00
N GLU A 74 1.19 13.28 -15.85
CA GLU A 74 -0.05 13.58 -15.13
C GLU A 74 -0.90 14.51 -15.96
N ASP A 75 -2.21 14.31 -15.92
CA ASP A 75 -3.16 15.22 -16.54
C ASP A 75 -3.68 16.23 -15.51
N PRO A 76 -3.22 17.49 -15.60
CA PRO A 76 -3.51 18.54 -14.64
C PRO A 76 -4.96 18.53 -14.19
N TRP A 77 -5.89 18.33 -15.12
CA TRP A 77 -7.32 18.31 -14.82
C TRP A 77 -7.72 17.25 -13.79
N GLU A 78 -7.06 16.08 -13.87
CA GLU A 78 -7.30 15.02 -12.91
C GLU A 78 -6.82 15.49 -11.54
N GLN A 79 -5.67 16.14 -11.50
CA GLN A 79 -5.04 16.53 -10.24
C GLN A 79 -5.85 17.60 -9.52
N HIS A 80 -6.34 18.57 -10.28
CA HIS A 80 -7.12 19.69 -9.76
C HIS A 80 -8.39 19.18 -9.05
N ALA A 81 -9.01 18.16 -9.66
CA ALA A 81 -10.19 17.51 -9.12
C ALA A 81 -9.81 16.93 -7.78
N LYS A 82 -8.97 15.91 -7.83
CA LYS A 82 -8.48 15.23 -6.65
C LYS A 82 -8.12 16.18 -5.51
N TRP A 83 -7.11 17.02 -5.71
CA TRP A 83 -6.66 17.86 -4.61
C TRP A 83 -7.58 19.01 -4.24
N TYR A 84 -8.34 19.53 -5.21
CA TYR A 84 -9.18 20.71 -4.98
C TYR A 84 -10.57 20.58 -5.60
N PRO A 85 -11.41 19.68 -5.05
CA PRO A 85 -12.71 19.31 -5.60
C PRO A 85 -13.64 20.51 -5.66
N GLY A 86 -13.45 21.42 -4.70
CA GLY A 86 -14.36 22.54 -4.48
C GLY A 86 -13.97 23.78 -5.23
N CYS A 87 -13.08 23.65 -6.21
CA CYS A 87 -12.73 24.78 -7.05
C CYS A 87 -13.93 25.06 -7.93
N LYS A 88 -14.32 26.33 -8.04
CA LYS A 88 -15.44 26.68 -8.90
C LYS A 88 -15.00 26.66 -10.36
N TYR A 89 -13.89 27.31 -10.69
CA TYR A 89 -13.32 27.20 -12.04
C TYR A 89 -13.27 25.74 -12.54
N LEU A 90 -12.90 24.81 -11.67
CA LEU A 90 -12.87 23.39 -12.04
C LEU A 90 -14.29 22.95 -12.36
N LEU A 91 -15.20 23.20 -11.42
CA LEU A 91 -16.61 22.89 -11.58
C LEU A 91 -17.13 23.43 -12.91
N GLU A 92 -16.74 24.66 -13.25
CA GLU A 92 -17.25 25.37 -14.42
C GLU A 92 -16.83 24.71 -15.75
N GLN A 93 -15.53 24.42 -15.85
CA GLN A 93 -14.92 23.88 -17.07
C GLN A 93 -15.11 22.38 -17.22
N LYS A 94 -15.47 21.72 -16.12
CA LYS A 94 -15.44 20.26 -16.09
C LYS A 94 -16.74 19.61 -15.61
N GLY A 95 -17.50 20.30 -14.77
CA GLY A 95 -18.82 19.82 -14.36
C GLY A 95 -18.76 18.77 -13.28
N GLN A 96 -19.72 18.82 -12.34
CA GLN A 96 -19.65 17.98 -11.14
C GLN A 96 -19.54 16.46 -11.37
N GLU A 97 -20.04 15.96 -12.50
CA GLU A 97 -19.85 14.53 -12.74
C GLU A 97 -18.36 14.22 -12.89
N TYR A 98 -17.65 15.02 -13.70
CA TYR A 98 -16.20 14.83 -13.90
C TYR A 98 -15.49 14.63 -12.57
N ILE A 99 -15.54 15.68 -11.74
CA ILE A 99 -14.99 15.68 -10.38
C ILE A 99 -15.38 14.40 -9.66
N ASN A 100 -16.68 14.09 -9.65
CA ASN A 100 -17.19 12.85 -9.04
C ASN A 100 -16.63 11.59 -9.67
N ASN A 101 -16.62 11.53 -11.00
CA ASN A 101 -16.05 10.39 -11.74
C ASN A 101 -14.59 10.14 -11.38
N ILE A 102 -13.77 11.19 -11.50
CA ILE A 102 -12.36 11.15 -11.08
C ILE A 102 -12.23 10.49 -9.71
N HIS A 103 -12.86 11.10 -8.71
CA HIS A 103 -12.82 10.59 -7.34
C HIS A 103 -13.29 9.15 -7.20
N LEU A 104 -14.26 8.76 -8.03
CA LEU A 104 -14.79 7.40 -8.00
C LEU A 104 -13.77 6.38 -8.53
N THR A 105 -13.17 6.68 -9.68
CA THR A 105 -12.14 5.83 -10.27
C THR A 105 -11.00 5.61 -9.28
N HIS A 106 -10.57 6.70 -8.64
CA HIS A 106 -9.56 6.64 -7.57
C HIS A 106 -9.80 5.45 -6.63
N SER A 107 -11.01 5.35 -6.10
CA SER A 107 -11.37 4.27 -5.20
C SER A 107 -11.03 2.92 -5.81
N LEU A 108 -10.32 1.91 -5.42
CA LEU A 108 -9.47 0.77 -5.73
C LEU A 108 -10.31 -0.48 -6.03
N SER B 13 48.52 6.69 -26.81
CA SER B 13 48.08 6.15 -25.49
C SER B 13 46.61 5.73 -25.52
N THR B 14 46.30 4.62 -24.85
CA THR B 14 44.94 4.03 -24.82
C THR B 14 43.91 4.99 -24.22
N ASN B 15 42.67 4.88 -24.71
CA ASN B 15 41.59 5.79 -24.32
C ASN B 15 40.25 5.07 -24.06
N LEU B 16 39.98 4.80 -22.78
CA LEU B 16 38.81 4.02 -22.40
C LEU B 16 37.79 4.81 -21.57
N PRO B 17 36.52 4.35 -21.58
CA PRO B 17 35.38 5.04 -20.94
C PRO B 17 35.52 5.15 -19.42
N ARG B 18 35.16 6.32 -18.88
CA ARG B 18 35.26 6.55 -17.44
C ARG B 18 34.25 5.74 -16.62
N ASN B 19 33.08 5.46 -17.20
CA ASN B 19 32.09 4.61 -16.54
C ASN B 19 31.56 3.52 -17.47
N PRO B 20 32.32 2.41 -17.61
CA PRO B 20 31.90 1.25 -18.40
C PRO B 20 30.58 0.66 -17.91
N SER B 21 30.35 0.73 -16.60
CA SER B 21 29.05 0.37 -16.05
C SER B 21 27.94 0.97 -16.91
N MET B 22 28.17 2.20 -17.39
CA MET B 22 27.20 2.93 -18.20
C MET B 22 27.56 2.98 -19.70
N ALA B 23 28.43 2.08 -20.13
CA ALA B 23 28.79 2.00 -21.56
C ALA B 23 27.64 1.48 -22.42
N ASP B 24 26.71 0.76 -21.81
CA ASP B 24 25.49 0.35 -22.49
C ASP B 24 24.52 1.52 -22.68
N TYR B 25 23.59 1.39 -23.62
CA TYR B 25 22.53 2.36 -23.78
C TYR B 25 21.41 1.99 -22.82
N GLU B 26 21.14 0.68 -22.76
CA GLU B 26 20.06 0.15 -21.94
C GLU B 26 20.34 0.42 -20.46
N ALA B 27 21.62 0.43 -20.09
CA ALA B 27 22.05 0.87 -18.78
C ALA B 27 21.71 2.34 -18.62
N ARG B 28 21.84 3.12 -19.69
CA ARG B 28 21.68 4.57 -19.59
C ARG B 28 20.24 5.07 -19.50
N ILE B 29 19.38 4.73 -20.45
CA ILE B 29 17.98 5.16 -20.35
C ILE B 29 17.35 4.73 -19.04
N PHE B 30 17.87 3.64 -18.45
CA PHE B 30 17.40 3.17 -17.15
C PHE B 30 17.45 4.29 -16.12
N THR B 31 18.57 5.00 -16.05
CA THR B 31 18.72 6.13 -15.14
C THR B 31 17.59 7.15 -15.30
N PHE B 32 17.17 7.36 -16.55
CA PHE B 32 16.08 8.28 -16.83
C PHE B 32 14.71 7.63 -16.62
N GLY B 33 14.62 6.67 -15.71
CA GLY B 33 13.37 5.99 -15.38
C GLY B 33 12.42 6.90 -14.61
N THR B 34 13.00 7.84 -13.89
CA THR B 34 12.27 8.83 -13.10
C THR B 34 12.38 10.27 -13.68
N TRP B 35 12.56 10.38 -15.00
CA TRP B 35 12.92 11.64 -15.64
C TRP B 35 11.71 12.51 -15.90
N ILE B 36 11.62 13.59 -15.12
CA ILE B 36 10.48 14.51 -15.09
C ILE B 36 10.69 15.76 -15.94
N TYR B 37 11.91 15.92 -16.48
CA TYR B 37 12.28 17.10 -17.26
C TYR B 37 12.02 16.93 -18.74
N SER B 38 11.80 18.08 -19.37
CA SER B 38 11.48 18.19 -20.79
C SER B 38 12.57 17.56 -21.63
N VAL B 39 13.81 17.95 -21.37
CA VAL B 39 14.96 17.38 -22.07
C VAL B 39 14.74 15.90 -22.34
N ASN B 40 14.58 15.56 -23.62
CA ASN B 40 14.33 14.18 -24.04
C ASN B 40 15.33 13.22 -23.38
N LYS B 41 14.80 12.17 -22.77
CA LYS B 41 15.62 11.19 -22.06
C LYS B 41 16.29 10.14 -22.97
N GLU B 42 15.76 9.97 -24.19
CA GLU B 42 16.38 9.08 -25.19
C GLU B 42 17.57 9.74 -25.89
N GLN B 43 17.42 11.01 -26.25
CA GLN B 43 18.49 11.78 -26.87
C GLN B 43 19.71 11.83 -25.96
N LEU B 44 19.51 12.25 -24.72
CA LEU B 44 20.56 12.24 -23.69
C LEU B 44 21.22 10.85 -23.54
N ALA B 45 20.37 9.85 -23.30
CA ALA B 45 20.84 8.48 -23.18
C ALA B 45 21.74 8.14 -24.35
N ARG B 46 21.30 8.55 -25.54
CA ARG B 46 22.03 8.27 -26.76
C ARG B 46 23.27 9.13 -26.92
N ALA B 47 23.25 10.34 -26.39
CA ALA B 47 24.41 11.21 -26.43
C ALA B 47 25.52 10.77 -25.46
N GLY B 48 25.23 9.72 -24.69
CA GLY B 48 26.19 9.16 -23.73
C GLY B 48 25.93 9.58 -22.31
N PHE B 49 24.74 10.10 -22.04
CA PHE B 49 24.39 10.62 -20.72
C PHE B 49 23.50 9.68 -19.91
N TYR B 50 23.68 9.74 -18.59
CA TYR B 50 22.84 9.02 -17.64
C TYR B 50 22.57 9.91 -16.43
N ALA B 51 21.32 9.89 -15.95
CA ALA B 51 20.91 10.74 -14.84
C ALA B 51 21.61 10.30 -13.57
N LEU B 52 21.56 11.13 -12.53
CA LEU B 52 22.33 10.83 -11.32
C LEU B 52 21.49 10.85 -10.05
N GLY B 53 20.19 11.03 -10.20
CA GLY B 53 19.34 11.23 -9.04
C GLY B 53 19.13 12.71 -8.79
N GLU B 54 20.21 13.47 -8.66
CA GLU B 54 20.11 14.90 -8.44
C GLU B 54 19.54 15.67 -9.62
N GLY B 55 18.55 16.53 -9.34
CA GLY B 55 17.92 17.37 -10.35
C GLY B 55 17.94 16.82 -11.76
N ASP B 56 18.40 17.63 -12.71
CA ASP B 56 18.62 17.20 -14.10
C ASP B 56 20.09 16.86 -14.33
N LYS B 57 20.83 16.74 -13.23
CA LYS B 57 22.26 16.41 -13.21
C LYS B 57 22.56 15.12 -14.00
N VAL B 58 23.41 15.23 -15.00
CA VAL B 58 23.81 14.06 -15.80
C VAL B 58 25.31 14.07 -16.09
N LYS B 59 25.87 12.88 -16.23
CA LYS B 59 27.27 12.68 -16.59
C LYS B 59 27.40 11.86 -17.88
N CYS B 60 28.45 12.13 -18.66
CA CYS B 60 28.76 11.31 -19.82
C CYS B 60 29.52 10.05 -19.38
N PHE B 61 29.11 8.91 -19.93
CA PHE B 61 29.70 7.61 -19.59
C PHE B 61 31.15 7.43 -20.03
N HIS B 62 31.66 8.35 -20.86
CA HIS B 62 33.00 8.18 -21.42
C HIS B 62 33.97 9.22 -20.89
N CYS B 63 33.69 10.49 -21.15
CA CYS B 63 34.58 11.57 -20.71
C CYS B 63 34.29 12.04 -19.28
N GLY B 64 33.28 11.43 -18.65
CA GLY B 64 32.89 11.80 -17.30
C GLY B 64 32.43 13.25 -17.14
N GLY B 65 32.04 13.88 -18.25
CA GLY B 65 31.57 15.27 -18.22
C GLY B 65 30.15 15.35 -17.69
N GLY B 66 29.91 16.29 -16.78
CA GLY B 66 28.59 16.46 -16.18
C GLY B 66 27.89 17.75 -16.56
N LEU B 67 26.57 17.68 -16.76
CA LEU B 67 25.76 18.86 -17.18
C LEU B 67 24.45 19.04 -16.42
N THR B 68 24.12 20.27 -16.10
CA THR B 68 22.85 20.57 -15.45
C THR B 68 22.18 21.80 -16.03
N ASP B 69 21.06 22.19 -15.42
CA ASP B 69 20.28 23.36 -15.77
C ASP B 69 19.99 23.42 -17.25
N TRP B 70 19.63 22.26 -17.80
CA TRP B 70 19.21 22.14 -19.20
C TRP B 70 18.09 23.12 -19.59
N LYS B 71 17.87 23.23 -20.90
CA LYS B 71 16.74 23.99 -21.43
C LYS B 71 15.78 23.01 -22.09
N PRO B 72 14.50 23.39 -22.22
CA PRO B 72 13.56 22.55 -22.99
C PRO B 72 13.96 22.37 -24.47
N SER B 73 14.41 23.46 -25.10
CA SER B 73 14.81 23.43 -26.50
C SER B 73 16.17 22.77 -26.73
N GLU B 74 17.02 22.75 -25.69
CA GLU B 74 18.40 22.26 -25.77
C GLU B 74 18.60 20.83 -26.33
N ASP B 75 19.69 20.68 -27.08
CA ASP B 75 20.05 19.44 -27.78
C ASP B 75 21.23 18.79 -27.07
N PRO B 76 21.04 17.54 -26.57
CA PRO B 76 22.03 16.76 -25.80
C PRO B 76 23.36 16.60 -26.51
N TRP B 77 23.35 16.55 -27.83
CA TRP B 77 24.55 16.50 -28.64
C TRP B 77 25.33 17.80 -28.74
N GLU B 78 24.63 18.90 -28.98
CA GLU B 78 25.26 20.24 -29.06
C GLU B 78 25.96 20.63 -27.77
N GLN B 79 25.28 20.36 -26.65
CA GLN B 79 25.80 20.70 -25.34
C GLN B 79 27.06 19.88 -25.01
N HIS B 80 26.96 18.58 -25.25
CA HIS B 80 28.09 17.69 -25.04
C HIS B 80 29.35 18.31 -25.67
N ALA B 81 29.28 18.59 -26.97
CA ALA B 81 30.40 19.18 -27.71
C ALA B 81 30.75 20.59 -27.26
N LYS B 82 29.72 21.38 -26.94
CA LYS B 82 29.95 22.72 -26.45
C LYS B 82 30.84 22.70 -25.19
N TRP B 83 30.59 21.74 -24.30
CA TRP B 83 31.28 21.72 -23.00
C TRP B 83 32.36 20.65 -22.91
N TYR B 84 32.21 19.59 -23.70
CA TYR B 84 33.20 18.53 -23.73
C TYR B 84 33.48 18.14 -25.16
N PRO B 85 34.24 18.99 -25.88
CA PRO B 85 34.66 18.70 -27.24
C PRO B 85 35.77 17.68 -27.21
N GLY B 86 36.49 17.63 -26.09
CA GLY B 86 37.57 16.69 -25.90
C GLY B 86 37.11 15.25 -26.02
N CYS B 87 35.84 15.03 -25.70
CA CYS B 87 35.27 13.69 -25.62
C CYS B 87 35.47 12.89 -26.90
N LYS B 88 35.87 11.64 -26.72
CA LYS B 88 36.17 10.78 -27.85
C LYS B 88 34.95 10.00 -28.33
N TYR B 89 34.06 9.66 -27.41
CA TYR B 89 32.82 8.98 -27.80
C TYR B 89 31.91 9.91 -28.57
N LEU B 90 31.96 11.19 -28.22
CA LEU B 90 31.27 12.23 -28.99
C LEU B 90 31.85 12.27 -30.41
N LEU B 91 33.17 12.06 -30.50
CA LEU B 91 33.92 12.17 -31.74
C LEU B 91 33.73 10.92 -32.61
N GLU B 92 33.58 9.77 -31.95
CA GLU B 92 33.33 8.53 -32.65
C GLU B 92 31.94 8.57 -33.29
N GLN B 93 30.99 9.14 -32.56
CA GLN B 93 29.58 9.16 -32.96
C GLN B 93 29.17 10.45 -33.66
N LYS B 94 30.09 11.41 -33.79
CA LYS B 94 29.76 12.67 -34.45
C LYS B 94 30.83 13.26 -35.38
N GLY B 95 32.08 12.82 -35.26
CA GLY B 95 33.18 13.33 -36.11
C GLY B 95 33.70 14.70 -35.71
N GLN B 96 34.89 15.06 -36.18
CA GLN B 96 35.53 16.35 -35.81
C GLN B 96 34.78 17.57 -36.30
N GLU B 97 34.21 17.45 -37.48
CA GLU B 97 33.58 18.59 -38.10
C GLU B 97 32.34 19.04 -37.33
N TYR B 98 31.61 18.08 -36.77
CA TYR B 98 30.42 18.44 -35.97
C TYR B 98 30.84 19.28 -34.78
N ILE B 99 31.68 18.71 -33.92
CA ILE B 99 32.18 19.39 -32.75
C ILE B 99 32.72 20.76 -33.15
N ASN B 100 33.65 20.79 -34.11
CA ASN B 100 34.23 22.05 -34.59
C ASN B 100 33.20 23.12 -34.91
N ASN B 101 32.17 22.76 -35.66
CA ASN B 101 31.14 23.73 -36.02
C ASN B 101 30.43 24.29 -34.79
N ILE B 102 30.11 23.42 -33.85
CA ILE B 102 29.47 23.84 -32.61
C ILE B 102 30.46 24.72 -31.87
N HIS B 103 31.71 24.32 -31.87
CA HIS B 103 32.68 25.03 -31.06
C HIS B 103 33.05 26.36 -31.66
N LEU B 104 32.36 26.78 -32.67
CA LEU B 104 32.66 28.04 -33.27
C LEU B 104 31.80 29.10 -32.67
N THR B 105 31.07 28.75 -31.62
CA THR B 105 30.17 29.73 -31.08
C THR B 105 30.46 29.68 -29.60
N HIS B 106 31.35 30.57 -29.16
CA HIS B 106 31.76 30.60 -27.77
C HIS B 106 32.34 29.63 -26.74
N SER B 107 33.62 29.29 -26.89
CA SER B 107 34.26 28.35 -25.98
C SER B 107 34.58 28.29 -24.48
N LEU B 108 34.13 27.22 -23.84
CA LEU B 108 34.44 26.96 -22.49
C LEU B 108 35.94 26.88 -22.39
N GLU B 109 36.64 27.99 -22.56
CA GLU B 109 38.04 27.96 -22.28
C GLU B 109 38.08 27.79 -20.77
N GLU B 110 37.02 28.25 -20.14
CA GLU B 110 36.90 28.19 -18.70
C GLU B 110 36.96 26.77 -18.21
N CYS B 111 36.35 25.85 -18.91
CA CYS B 111 36.41 24.44 -18.52
C CYS B 111 37.87 23.97 -18.50
N LEU B 112 38.61 24.36 -19.54
CA LEU B 112 40.06 24.16 -19.61
C LEU B 112 40.71 24.85 -18.42
N VAL B 113 40.53 26.18 -18.32
CA VAL B 113 41.09 26.97 -17.23
C VAL B 113 40.69 26.50 -15.83
N ARG B 114 39.40 26.62 -15.46
CA ARG B 114 38.88 26.22 -14.15
C ARG B 114 39.57 25.00 -13.54
N THR B 115 39.82 23.99 -14.36
CA THR B 115 40.34 22.69 -13.90
C THR B 115 41.86 22.60 -13.84
N THR B 116 42.55 23.30 -14.74
CA THR B 116 44.01 23.33 -14.77
C THR B 116 44.59 24.26 -13.71
N HIS B 117 43.98 24.25 -12.54
CA HIS B 117 44.39 25.06 -11.39
C HIS B 117 44.82 24.18 -10.22
N SER C 13 34.95 -23.25 0.83
CA SER C 13 35.98 -23.38 -0.23
C SER C 13 35.64 -22.51 -1.46
N THR C 14 34.53 -21.79 -1.34
CA THR C 14 34.09 -20.86 -2.36
C THR C 14 33.66 -19.56 -1.67
N ASN C 15 33.35 -18.54 -2.48
CA ASN C 15 32.94 -17.25 -1.97
C ASN C 15 33.65 -15.91 -1.83
N LEU C 16 34.85 -15.81 -2.39
CA LEU C 16 35.63 -14.59 -2.33
C LEU C 16 35.04 -13.22 -2.67
N PRO C 17 35.38 -12.21 -1.86
CA PRO C 17 35.09 -10.81 -2.17
C PRO C 17 35.28 -10.51 -3.66
N ARG C 18 34.26 -9.91 -4.28
CA ARG C 18 34.33 -9.56 -5.69
C ARG C 18 35.38 -8.48 -5.95
N ASN C 19 35.63 -7.66 -4.94
CA ASN C 19 36.62 -6.60 -5.06
C ASN C 19 37.53 -6.59 -3.83
N PRO C 20 38.64 -7.35 -3.90
CA PRO C 20 39.49 -7.60 -2.74
C PRO C 20 40.42 -6.42 -2.43
N SER C 21 40.25 -5.33 -3.16
CA SER C 21 40.97 -4.09 -2.93
C SER C 21 40.14 -3.12 -2.08
N MET C 22 38.89 -3.51 -1.82
CA MET C 22 38.02 -2.75 -0.92
C MET C 22 37.70 -3.49 0.38
N ALA C 23 38.46 -4.57 0.63
CA ALA C 23 38.27 -5.43 1.81
C ALA C 23 38.56 -4.77 3.16
N ASP C 24 39.44 -3.76 3.16
CA ASP C 24 39.84 -3.06 4.39
C ASP C 24 39.10 -1.74 4.61
N TYR C 25 38.42 -1.65 5.75
CA TYR C 25 37.64 -0.47 6.10
C TYR C 25 38.30 0.83 5.63
N GLU C 26 39.62 0.91 5.78
CA GLU C 26 40.35 2.12 5.42
C GLU C 26 40.13 2.46 3.94
N ALA C 27 40.34 1.49 3.07
CA ALA C 27 40.09 1.64 1.64
C ALA C 27 38.70 2.18 1.37
N ARG C 28 37.76 1.89 2.27
CA ARG C 28 36.38 2.26 2.04
C ARG C 28 36.13 3.70 2.45
N ILE C 29 36.36 4.02 3.73
CA ILE C 29 36.20 5.39 4.18
C ILE C 29 37.09 6.35 3.37
N PHE C 30 38.04 5.76 2.64
CA PHE C 30 38.91 6.51 1.73
C PHE C 30 38.04 7.16 0.67
N THR C 31 37.00 6.43 0.25
CA THR C 31 36.12 6.91 -0.80
C THR C 31 35.07 7.91 -0.25
N PHE C 32 34.55 7.64 0.93
CA PHE C 32 33.57 8.51 1.56
C PHE C 32 34.20 9.77 2.15
N GLY C 33 35.09 10.41 1.39
CA GLY C 33 35.73 11.65 1.84
C GLY C 33 34.97 12.89 1.40
N THR C 34 34.41 12.84 0.19
CA THR C 34 33.62 13.92 -0.39
C THR C 34 32.13 13.61 -0.30
N TRP C 35 31.79 12.66 0.56
CA TRP C 35 30.43 12.20 0.76
C TRP C 35 29.52 13.32 1.30
N ILE C 36 28.48 13.66 0.55
CA ILE C 36 27.59 14.77 0.92
C ILE C 36 26.29 14.33 1.60
N TYR C 37 26.09 13.03 1.75
CA TYR C 37 24.80 12.55 2.26
C TYR C 37 24.79 12.40 3.77
N SER C 38 23.59 12.46 4.35
CA SER C 38 23.41 12.30 5.79
C SER C 38 23.38 10.82 6.23
N VAL C 39 23.41 9.92 5.24
CA VAL C 39 23.56 8.50 5.52
C VAL C 39 24.98 8.24 5.99
N ASN C 40 25.10 7.85 7.25
CA ASN C 40 26.40 7.67 7.88
C ASN C 40 27.42 6.88 7.06
N LYS C 41 28.47 7.57 6.65
CA LYS C 41 29.54 7.02 5.83
C LYS C 41 30.37 5.94 6.53
N GLU C 42 30.42 5.98 7.86
CA GLU C 42 31.20 5.01 8.61
C GLU C 42 30.46 3.68 8.76
N GLN C 43 29.15 3.74 9.01
CA GLN C 43 28.35 2.53 9.09
C GLN C 43 28.27 1.91 7.70
N LEU C 44 28.27 2.78 6.69
CA LEU C 44 28.25 2.36 5.30
C LEU C 44 29.52 1.60 4.98
N ALA C 45 30.66 2.17 5.40
CA ALA C 45 31.97 1.53 5.20
C ALA C 45 32.15 0.25 6.05
N ARG C 46 31.76 0.34 7.31
CA ARG C 46 31.85 -0.77 8.25
C ARG C 46 30.96 -1.94 7.79
N ALA C 47 29.92 -1.63 7.00
CA ALA C 47 29.02 -2.64 6.47
C ALA C 47 29.54 -3.28 5.18
N GLY C 48 30.72 -2.83 4.74
CA GLY C 48 31.35 -3.35 3.53
C GLY C 48 31.02 -2.53 2.29
N PHE C 49 30.53 -1.32 2.48
CA PHE C 49 30.16 -0.47 1.36
C PHE C 49 31.22 0.57 1.04
N TYR C 50 31.18 1.05 -0.21
CA TYR C 50 32.08 2.09 -0.69
C TYR C 50 31.39 2.86 -1.81
N ALA C 51 31.64 4.16 -1.88
CA ALA C 51 31.05 5.02 -2.89
C ALA C 51 31.73 4.82 -4.24
N LEU C 52 30.92 4.59 -5.28
CA LEU C 52 31.42 4.32 -6.64
C LEU C 52 31.86 5.57 -7.40
N GLY C 53 31.28 6.71 -7.06
CA GLY C 53 31.59 7.97 -7.73
C GLY C 53 30.35 8.75 -8.13
N GLU C 54 29.28 8.02 -8.45
CA GLU C 54 28.03 8.69 -8.80
C GLU C 54 26.99 8.65 -7.66
N GLY C 55 26.09 9.63 -7.67
CA GLY C 55 24.98 9.74 -6.71
C GLY C 55 25.31 9.32 -5.29
N ASP C 56 24.40 8.61 -4.65
CA ASP C 56 24.70 7.95 -3.38
C ASP C 56 24.94 6.45 -3.60
N LYS C 57 25.25 6.10 -4.85
CA LYS C 57 25.51 4.74 -5.29
C LYS C 57 26.75 4.11 -4.64
N VAL C 58 26.56 2.98 -3.98
CA VAL C 58 27.65 2.24 -3.33
C VAL C 58 27.65 0.78 -3.77
N LYS C 59 28.72 0.05 -3.45
CA LYS C 59 28.77 -1.40 -3.66
C LYS C 59 29.33 -2.12 -2.45
N CYS C 60 28.99 -3.40 -2.30
CA CYS C 60 29.63 -4.22 -1.28
C CYS C 60 30.91 -4.77 -1.85
N PHE C 61 32.00 -4.57 -1.10
CA PHE C 61 33.34 -5.03 -1.52
C PHE C 61 33.38 -6.53 -1.74
N HIS C 62 32.47 -7.23 -1.08
CA HIS C 62 32.47 -8.69 -1.03
C HIS C 62 31.47 -9.31 -2.01
N CYS C 63 30.22 -8.88 -1.91
CA CYS C 63 29.15 -9.42 -2.75
C CYS C 63 28.75 -8.47 -3.87
N GLY C 64 29.47 -7.37 -4.01
CA GLY C 64 29.20 -6.38 -5.07
C GLY C 64 27.76 -5.85 -5.12
N GLY C 65 27.09 -5.89 -3.97
CA GLY C 65 25.72 -5.41 -3.87
C GLY C 65 25.66 -3.91 -3.98
N GLY C 66 24.91 -3.43 -4.97
CA GLY C 66 24.75 -2.00 -5.22
C GLY C 66 23.51 -1.44 -4.55
N LEU C 67 23.61 -0.22 -4.04
CA LEU C 67 22.49 0.45 -3.37
C LEU C 67 22.49 1.97 -3.57
N THR C 68 21.30 2.54 -3.77
CA THR C 68 21.10 3.99 -3.85
C THR C 68 19.81 4.40 -3.16
N ASP C 69 19.39 5.64 -3.42
CA ASP C 69 18.16 6.19 -2.87
C ASP C 69 18.13 6.13 -1.36
N TRP C 70 19.31 6.16 -0.76
CA TRP C 70 19.46 6.05 0.69
C TRP C 70 18.71 7.15 1.43
N LYS C 71 17.79 6.74 2.32
CA LYS C 71 17.06 7.63 3.22
C LYS C 71 18.03 8.18 4.24
N PRO C 72 17.81 9.41 4.68
CA PRO C 72 18.74 10.13 5.56
C PRO C 72 18.87 9.58 6.99
N SER C 73 18.47 8.33 7.22
CA SER C 73 18.64 7.71 8.53
C SER C 73 18.62 6.17 8.55
N GLU C 74 18.65 5.56 7.37
CA GLU C 74 18.66 4.10 7.26
C GLU C 74 19.91 3.53 7.89
N ASP C 75 19.80 2.33 8.45
CA ASP C 75 20.97 1.60 8.94
C ASP C 75 21.51 0.60 7.89
N PRO C 76 22.65 0.92 7.26
CA PRO C 76 23.27 0.10 6.21
C PRO C 76 23.12 -1.40 6.42
N TRP C 77 23.51 -1.87 7.60
CA TRP C 77 23.34 -3.28 8.01
C TRP C 77 21.93 -3.82 7.78
N GLU C 78 20.91 -3.01 8.08
CA GLU C 78 19.54 -3.44 7.86
C GLU C 78 19.28 -3.62 6.37
N GLN C 79 19.80 -2.70 5.56
CA GLN C 79 19.57 -2.71 4.11
C GLN C 79 20.30 -3.86 3.42
N HIS C 80 21.57 -4.05 3.81
CA HIS C 80 22.40 -5.13 3.27
C HIS C 80 21.72 -6.48 3.48
N ALA C 81 21.11 -6.63 4.66
CA ALA C 81 20.41 -7.85 5.01
C ALA C 81 19.27 -8.05 4.04
N LYS C 82 18.40 -7.04 3.97
CA LYS C 82 17.24 -6.97 3.08
C LYS C 82 17.56 -7.29 1.61
N TRP C 83 18.42 -6.49 1.00
CA TRP C 83 18.70 -6.57 -0.42
C TRP C 83 19.69 -7.66 -0.89
N TYR C 84 20.56 -8.10 0.01
CA TYR C 84 21.56 -9.12 -0.33
C TYR C 84 21.79 -10.11 0.83
N PRO C 85 20.78 -10.96 1.12
CA PRO C 85 20.77 -11.81 2.30
C PRO C 85 21.86 -12.88 2.25
N GLY C 86 22.37 -13.13 1.04
CA GLY C 86 23.34 -14.18 0.83
C GLY C 86 24.79 -13.73 0.91
N CYS C 87 25.00 -12.44 1.13
CA CYS C 87 26.36 -11.92 1.24
C CYS C 87 27.07 -12.63 2.37
N LYS C 88 28.23 -13.22 2.06
CA LYS C 88 28.98 -13.94 3.08
C LYS C 88 29.55 -12.99 4.14
N TYR C 89 30.11 -11.87 3.68
CA TYR C 89 30.59 -10.82 4.59
C TYR C 89 29.51 -10.40 5.58
N LEU C 90 28.27 -10.28 5.11
CA LEU C 90 27.16 -9.96 5.97
C LEU C 90 26.92 -11.10 6.96
N LEU C 91 26.83 -12.32 6.44
CA LEU C 91 26.63 -13.50 7.28
C LEU C 91 27.64 -13.50 8.43
N GLU C 92 28.89 -13.20 8.07
CA GLU C 92 30.00 -13.27 9.01
C GLU C 92 29.98 -12.19 10.10
N GLN C 93 29.70 -10.95 9.73
CA GLN C 93 29.68 -9.86 10.71
C GLN C 93 28.39 -9.80 11.50
N LYS C 94 27.35 -10.49 11.01
CA LYS C 94 26.01 -10.34 11.56
C LYS C 94 25.26 -11.61 12.03
N GLY C 95 25.67 -12.76 11.53
CA GLY C 95 25.06 -14.03 11.95
C GLY C 95 23.67 -14.23 11.36
N GLN C 96 23.38 -15.45 10.95
CA GLN C 96 22.10 -15.77 10.30
C GLN C 96 20.80 -15.36 11.04
N GLU C 97 20.84 -15.25 12.36
CA GLU C 97 19.64 -14.81 13.05
C GLU C 97 19.32 -13.37 12.69
N TYR C 98 20.34 -12.51 12.64
CA TYR C 98 20.17 -11.09 12.26
C TYR C 98 19.43 -10.98 10.94
N ILE C 99 20.07 -11.49 9.90
CA ILE C 99 19.49 -11.58 8.57
C ILE C 99 18.06 -12.08 8.68
N ASN C 100 17.85 -13.20 9.39
CA ASN C 100 16.50 -13.76 9.59
C ASN C 100 15.53 -12.81 10.28
N ASN C 101 15.99 -12.18 11.36
CA ASN C 101 15.17 -11.23 12.12
C ASN C 101 14.75 -10.00 11.31
N ILE C 102 15.75 -9.29 10.78
CA ILE C 102 15.53 -8.17 9.87
C ILE C 102 14.33 -8.50 8.96
N HIS C 103 14.51 -9.53 8.15
CA HIS C 103 13.49 -9.99 7.22
C HIS C 103 12.14 -10.25 7.90
N LEU C 104 12.16 -10.92 9.04
CA LEU C 104 10.94 -11.30 9.75
C LEU C 104 10.17 -10.07 10.19
N THR C 105 10.88 -9.09 10.73
CA THR C 105 10.25 -7.83 11.11
C THR C 105 9.60 -7.19 9.88
N HIS C 106 10.32 -7.18 8.76
CA HIS C 106 9.85 -6.57 7.50
C HIS C 106 8.46 -7.09 7.06
N SER C 107 8.34 -8.41 6.92
CA SER C 107 7.05 -9.03 6.62
C SER C 107 5.53 -9.09 6.80
N LEU C 108 5.50 -8.83 8.00
CA LEU C 108 4.68 -8.73 9.21
C LEU C 108 3.85 -7.44 9.22
N SER D 13 14.55 53.14 -0.56
CA SER D 13 13.30 53.38 -1.34
C SER D 13 12.18 52.38 -0.98
N THR D 14 12.46 51.08 -1.18
CA THR D 14 11.56 49.97 -0.80
C THR D 14 12.38 48.68 -0.74
N ASN D 15 12.27 47.94 0.36
CA ASN D 15 13.09 46.72 0.55
C ASN D 15 12.38 45.52 1.21
N LEU D 16 11.86 44.63 0.38
CA LEU D 16 11.01 43.54 0.86
C LEU D 16 11.44 42.16 0.34
N PRO D 17 11.07 41.08 1.05
CA PRO D 17 11.42 39.70 0.68
C PRO D 17 10.83 39.25 -0.67
N ARG D 18 11.69 38.65 -1.50
CA ARG D 18 11.27 38.12 -2.81
C ARG D 18 10.31 36.92 -2.71
N ASN D 19 10.20 36.32 -1.53
CA ASN D 19 9.28 35.21 -1.31
C ASN D 19 8.73 35.23 0.11
N PRO D 20 7.73 36.09 0.36
CA PRO D 20 7.01 36.12 1.65
C PRO D 20 6.40 34.77 1.97
N SER D 21 5.96 34.05 0.95
CA SER D 21 5.48 32.68 1.14
C SER D 21 6.47 31.90 2.01
N MET D 22 7.75 32.24 1.87
CA MET D 22 8.83 31.60 2.64
C MET D 22 9.45 32.49 3.73
N ALA D 23 8.70 33.49 4.17
CA ALA D 23 9.14 34.35 5.26
C ALA D 23 9.12 33.64 6.61
N ASP D 24 8.21 32.67 6.77
CA ASP D 24 8.20 31.89 8.01
C ASP D 24 9.35 30.91 8.07
N TYR D 25 9.67 30.44 9.26
CA TYR D 25 10.69 29.42 9.42
C TYR D 25 10.01 28.07 9.23
N GLU D 26 8.80 27.97 9.75
CA GLU D 26 8.01 26.74 9.67
C GLU D 26 7.71 26.41 8.22
N ALA D 27 7.51 27.46 7.41
CA ALA D 27 7.35 27.32 5.97
C ALA D 27 8.61 26.74 5.36
N ARG D 28 9.75 27.04 5.98
CA ARG D 28 11.05 26.67 5.42
C ARG D 28 11.58 25.28 5.81
N ILE D 29 11.61 24.96 7.10
CA ILE D 29 12.04 23.60 7.46
C ILE D 29 11.09 22.56 6.86
N PHE D 30 9.92 23.01 6.43
CA PHE D 30 8.97 22.14 5.76
C PHE D 30 9.57 21.66 4.44
N THR D 31 10.26 22.56 3.74
CA THR D 31 10.90 22.21 2.47
C THR D 31 11.92 21.08 2.64
N PHE D 32 12.63 21.08 3.76
CA PHE D 32 13.62 20.05 4.05
C PHE D 32 13.01 18.82 4.74
N GLY D 33 11.74 18.55 4.47
CA GLY D 33 11.05 17.39 5.04
C GLY D 33 11.60 16.10 4.47
N THR D 34 12.32 16.21 3.36
CA THR D 34 12.92 15.08 2.65
C THR D 34 14.41 15.34 2.33
N TRP D 35 15.11 15.94 3.29
CA TRP D 35 16.50 16.37 3.11
C TRP D 35 17.45 15.23 3.39
N ILE D 36 18.00 14.65 2.33
CA ILE D 36 18.90 13.49 2.43
C ILE D 36 20.37 13.90 2.54
N TYR D 37 20.59 15.21 2.60
CA TYR D 37 21.93 15.77 2.62
C TYR D 37 22.44 16.07 4.02
N SER D 38 23.77 16.16 4.11
CA SER D 38 24.51 16.37 5.34
C SER D 38 24.26 17.75 5.86
N VAL D 39 24.47 18.72 4.98
CA VAL D 39 24.23 20.12 5.26
C VAL D 39 23.01 20.24 6.15
N ASN D 40 23.23 20.68 7.38
CA ASN D 40 22.18 20.74 8.37
C ASN D 40 20.95 21.50 7.84
N LYS D 41 19.79 20.85 7.91
CA LYS D 41 18.53 21.43 7.40
C LYS D 41 17.98 22.59 8.23
N GLU D 42 18.22 22.56 9.55
CA GLU D 42 17.80 23.64 10.45
C GLU D 42 18.63 24.90 10.23
N GLN D 43 19.93 24.71 10.14
CA GLN D 43 20.85 25.81 9.91
C GLN D 43 20.47 26.56 8.64
N LEU D 44 20.35 25.84 7.53
CA LEU D 44 19.89 26.39 6.26
C LEU D 44 18.54 27.10 6.40
N ALA D 45 17.57 26.40 7.00
CA ALA D 45 16.23 26.93 7.24
C ALA D 45 16.33 28.28 7.94
N ARG D 46 17.19 28.32 8.95
CA ARG D 46 17.40 29.50 9.75
C ARG D 46 18.13 30.62 9.00
N ALA D 47 18.96 30.28 8.02
CA ALA D 47 19.71 31.30 7.29
C ALA D 47 18.86 32.04 6.23
N GLY D 48 17.57 31.71 6.16
CA GLY D 48 16.68 32.23 5.13
C GLY D 48 16.49 31.27 3.98
N PHE D 49 16.96 30.03 4.12
CA PHE D 49 16.94 29.06 3.02
C PHE D 49 15.79 28.05 3.04
N TYR D 50 15.33 27.70 1.85
CA TYR D 50 14.35 26.62 1.65
C TYR D 50 14.72 25.80 0.43
N ALA D 51 14.55 24.49 0.50
CA ALA D 51 14.90 23.61 -0.61
C ALA D 51 13.96 23.82 -1.78
N LEU D 52 14.26 23.19 -2.91
CA LEU D 52 13.46 23.38 -4.11
C LEU D 52 13.03 22.09 -4.79
N GLY D 53 13.37 20.96 -4.19
CA GLY D 53 13.07 19.67 -4.78
C GLY D 53 14.26 19.16 -5.56
N GLU D 54 14.91 20.05 -6.29
CA GLU D 54 16.11 19.73 -7.07
C GLU D 54 17.34 19.56 -6.18
N GLY D 55 18.07 18.46 -6.37
CA GLY D 55 19.23 18.13 -5.56
C GLY D 55 19.25 18.80 -4.20
N ASP D 56 20.31 19.57 -3.94
CA ASP D 56 20.44 20.36 -2.72
C ASP D 56 20.16 21.83 -3.00
N LYS D 57 19.52 22.07 -4.14
CA LYS D 57 19.14 23.41 -4.60
C LYS D 57 18.31 24.12 -3.53
N VAL D 58 18.69 25.35 -3.20
CA VAL D 58 17.99 26.13 -2.19
C VAL D 58 18.05 27.60 -2.54
N LYS D 59 16.99 28.33 -2.21
CA LYS D 59 16.94 29.78 -2.38
C LYS D 59 16.73 30.49 -1.03
N CYS D 60 17.20 31.73 -0.94
CA CYS D 60 16.92 32.59 0.20
C CYS D 60 15.57 33.27 -0.03
N PHE D 61 14.77 33.32 1.03
CA PHE D 61 13.41 33.86 0.97
C PHE D 61 13.37 35.38 0.82
N HIS D 62 14.49 36.05 1.06
CA HIS D 62 14.49 37.51 1.03
C HIS D 62 15.16 38.05 -0.21
N CYS D 63 16.39 37.61 -0.45
CA CYS D 63 17.19 38.12 -1.57
C CYS D 63 17.14 37.22 -2.81
N GLY D 64 16.40 36.12 -2.73
CA GLY D 64 16.19 35.23 -3.88
C GLY D 64 17.44 34.53 -4.42
N GLY D 65 18.49 34.49 -3.61
CA GLY D 65 19.74 33.83 -4.00
C GLY D 65 19.69 32.34 -3.82
N GLY D 66 20.31 31.60 -4.73
CA GLY D 66 20.23 30.14 -4.70
C GLY D 66 21.58 29.46 -4.67
N LEU D 67 21.68 28.40 -3.87
CA LEU D 67 22.95 27.69 -3.72
C LEU D 67 22.83 26.19 -3.97
N THR D 68 23.81 25.63 -4.67
CA THR D 68 23.90 24.18 -4.82
C THR D 68 25.31 23.68 -4.55
N ASP D 69 25.45 22.36 -4.56
CA ASP D 69 26.72 21.70 -4.36
C ASP D 69 27.34 22.12 -3.05
N TRP D 70 26.52 22.12 -2.00
CA TRP D 70 27.02 22.35 -0.66
C TRP D 70 28.17 21.38 -0.29
N LYS D 71 28.84 21.69 0.82
CA LYS D 71 29.81 20.78 1.43
C LYS D 71 29.21 20.27 2.73
N PRO D 72 29.61 19.06 3.16
CA PRO D 72 29.04 18.50 4.40
C PRO D 72 29.38 19.34 5.64
N SER D 73 30.57 19.94 5.59
CA SER D 73 31.09 20.79 6.66
C SER D 73 30.63 22.25 6.54
N GLU D 74 30.32 22.67 5.30
CA GLU D 74 29.92 24.05 4.98
C GLU D 74 28.88 24.68 5.89
N ASP D 75 28.97 26.00 6.03
CA ASP D 75 28.10 26.73 6.94
C ASP D 75 27.09 27.53 6.13
N PRO D 76 25.78 27.30 6.39
CA PRO D 76 24.71 27.97 5.64
C PRO D 76 24.79 29.48 5.69
N TRP D 77 25.35 30.01 6.77
CA TRP D 77 25.49 31.45 6.96
C TRP D 77 26.68 32.07 6.21
N GLU D 78 27.84 31.43 6.28
CA GLU D 78 29.05 31.90 5.60
C GLU D 78 28.84 31.94 4.11
N GLN D 79 28.21 30.88 3.60
CA GLN D 79 27.96 30.77 2.18
C GLN D 79 27.00 31.84 1.71
N HIS D 80 25.92 32.03 2.45
CA HIS D 80 24.95 33.07 2.14
C HIS D 80 25.68 34.39 1.88
N ALA D 81 26.50 34.81 2.84
CA ALA D 81 27.23 36.08 2.77
C ALA D 81 28.37 36.07 1.77
N LYS D 82 28.97 34.90 1.57
CA LYS D 82 30.03 34.74 0.57
C LYS D 82 29.50 35.06 -0.84
N TRP D 83 28.27 34.63 -1.12
CA TRP D 83 27.71 34.79 -2.44
C TRP D 83 26.72 35.94 -2.54
N TYR D 84 25.97 36.13 -1.46
CA TYR D 84 24.99 37.20 -1.39
C TYR D 84 25.20 38.11 -0.18
N PRO D 85 26.25 38.94 -0.23
CA PRO D 85 26.53 39.89 0.85
C PRO D 85 25.51 41.01 0.84
N GLY D 86 24.98 41.32 -0.33
CA GLY D 86 24.03 42.41 -0.49
C GLY D 86 22.77 42.19 0.31
N CYS D 87 22.42 40.94 0.54
CA CYS D 87 21.15 40.58 1.17
C CYS D 87 20.88 41.32 2.46
N LYS D 88 19.64 41.79 2.59
CA LYS D 88 19.27 42.59 3.73
C LYS D 88 18.90 41.76 4.94
N TYR D 89 18.23 40.63 4.72
CA TYR D 89 17.87 39.73 5.82
C TYR D 89 19.09 39.12 6.49
N LEU D 90 20.16 38.94 5.70
CA LEU D 90 21.42 38.44 6.22
C LEU D 90 22.05 39.49 7.13
N LEU D 91 21.69 40.74 6.88
CA LEU D 91 22.29 41.89 7.52
C LEU D 91 21.52 42.19 8.81
N GLU D 92 20.23 41.84 8.80
CA GLU D 92 19.37 42.02 9.96
C GLU D 92 19.79 41.02 11.01
N GLN D 93 20.08 39.81 10.55
CA GLN D 93 20.36 38.68 11.42
C GLN D 93 21.85 38.48 11.70
N LYS D 94 22.71 39.26 11.04
CA LYS D 94 24.15 39.07 11.21
C LYS D 94 24.93 40.37 11.43
N GLY D 95 24.49 41.46 10.82
CA GLY D 95 25.24 42.72 10.88
C GLY D 95 26.36 42.83 9.86
N GLN D 96 26.72 44.06 9.52
CA GLN D 96 27.73 44.34 8.48
C GLN D 96 29.07 43.67 8.72
N GLU D 97 29.53 43.71 9.96
CA GLU D 97 30.86 43.20 10.28
C GLU D 97 31.00 41.73 9.91
N TYR D 98 29.99 40.92 10.26
CA TYR D 98 30.02 39.50 9.92
C TYR D 98 30.20 39.30 8.42
N ILE D 99 29.24 39.76 7.65
CA ILE D 99 29.32 39.77 6.20
C ILE D 99 30.70 40.22 5.72
N ASN D 100 31.14 41.41 6.16
CA ASN D 100 32.42 41.96 5.71
C ASN D 100 33.60 41.04 5.99
N ASN D 101 33.64 40.47 7.19
CA ASN D 101 34.68 39.52 7.54
C ASN D 101 34.70 38.35 6.58
N ILE D 102 33.51 37.83 6.27
CA ILE D 102 33.40 36.73 5.32
C ILE D 102 33.94 37.23 3.99
N HIS D 103 33.50 38.41 3.58
CA HIS D 103 33.81 38.83 2.24
C HIS D 103 35.27 39.17 2.05
N LEU D 104 35.98 39.20 3.13
CA LEU D 104 37.40 39.43 3.04
C LEU D 104 38.11 38.28 2.39
N THR D 105 37.68 37.06 2.68
CA THR D 105 38.32 35.90 2.09
C THR D 105 37.59 35.92 0.75
N HIS D 106 38.31 35.92 -0.31
CA HIS D 106 37.74 35.96 -1.66
C HIS D 106 36.66 36.63 -2.49
N SER D 107 36.74 37.92 -2.93
CA SER D 107 35.67 38.60 -3.66
C SER D 107 34.63 37.94 -4.57
N LEU D 108 35.08 37.05 -5.44
CA LEU D 108 34.18 36.36 -6.36
C LEU D 108 33.01 37.26 -6.71
N GLU D 109 33.31 38.51 -7.05
CA GLU D 109 32.28 39.48 -7.40
C GLU D 109 31.65 39.16 -8.75
N GLU D 110 31.84 37.93 -9.20
CA GLU D 110 31.29 37.49 -10.47
C GLU D 110 29.75 37.54 -10.45
N CYS D 111 29.17 37.79 -9.29
CA CYS D 111 27.72 37.97 -9.19
C CYS D 111 27.26 39.30 -9.79
N LEU D 112 27.96 40.39 -9.46
CA LEU D 112 27.79 41.65 -10.16
C LEU D 112 28.01 41.33 -11.63
N VAL D 113 29.25 41.04 -12.00
CA VAL D 113 29.61 40.72 -13.37
C VAL D 113 28.57 39.83 -14.08
N ARG D 114 28.70 38.51 -13.89
CA ARG D 114 27.86 37.54 -14.63
C ARG D 114 26.45 38.03 -14.95
N THR D 115 25.74 38.55 -13.95
CA THR D 115 24.30 38.89 -14.10
C THR D 115 24.00 40.37 -14.41
N THR D 116 25.01 41.22 -14.30
CA THR D 116 24.85 42.64 -14.57
C THR D 116 25.29 43.00 -15.99
N HIS D 117 25.22 42.01 -16.88
CA HIS D 117 25.61 42.21 -18.27
C HIS D 117 24.45 41.93 -19.22
N SER E 13 -31.19 15.70 -15.05
CA SER E 13 -31.49 16.99 -14.33
C SER E 13 -31.69 16.74 -12.84
N THR E 14 -32.90 16.34 -12.47
CA THR E 14 -33.23 15.98 -11.08
C THR E 14 -33.70 14.52 -11.01
N ASN E 15 -33.08 13.76 -10.11
CA ASN E 15 -33.39 12.35 -9.91
C ASN E 15 -34.55 12.13 -8.94
N LEU E 16 -35.33 11.08 -9.22
CA LEU E 16 -36.29 10.56 -8.26
C LEU E 16 -35.88 9.14 -7.88
N PRO E 17 -36.05 8.77 -6.60
CA PRO E 17 -35.62 7.48 -6.04
C PRO E 17 -35.85 6.28 -6.96
N ARG E 18 -34.88 5.36 -7.02
CA ARG E 18 -34.98 4.16 -7.86
C ARG E 18 -35.95 3.12 -7.25
N ASN E 19 -36.12 3.20 -5.94
CA ASN E 19 -37.08 2.37 -5.21
C ASN E 19 -37.86 3.25 -4.23
N PRO E 20 -39.00 3.80 -4.68
CA PRO E 20 -39.71 4.82 -3.91
C PRO E 20 -40.54 4.25 -2.76
N SER E 21 -40.49 2.93 -2.59
CA SER E 21 -41.19 2.26 -1.50
C SER E 21 -40.29 2.12 -0.26
N MET E 22 -39.04 2.54 -0.40
CA MET E 22 -38.11 2.61 0.74
C MET E 22 -37.70 4.06 1.01
N ALA E 23 -38.60 4.98 0.68
CA ALA E 23 -38.36 6.41 0.84
C ALA E 23 -38.60 6.89 2.26
N ASP E 24 -39.27 6.06 3.07
CA ASP E 24 -39.56 6.41 4.46
C ASP E 24 -38.66 5.63 5.43
N TYR E 25 -37.89 6.37 6.22
CA TYR E 25 -36.99 5.81 7.25
C TYR E 25 -37.59 4.56 7.86
N GLU E 26 -38.87 4.65 8.23
CA GLU E 26 -39.60 3.56 8.84
C GLU E 26 -39.54 2.27 7.99
N ALA E 27 -39.88 2.38 6.71
CA ALA E 27 -39.86 1.24 5.79
C ALA E 27 -38.46 0.64 5.61
N ARG E 28 -37.43 1.41 5.96
CA ARG E 28 -36.05 0.95 5.85
C ARG E 28 -35.67 0.09 7.05
N ILE E 29 -35.78 0.63 8.25
CA ILE E 29 -35.53 -0.15 9.46
C ILE E 29 -36.37 -1.43 9.44
N PHE E 30 -37.40 -1.44 8.60
CA PHE E 30 -38.28 -2.60 8.45
C PHE E 30 -37.45 -3.85 8.17
N THR E 31 -36.47 -3.73 7.27
CA THR E 31 -35.61 -4.86 6.90
C THR E 31 -34.38 -5.04 7.81
N PHE E 32 -34.18 -4.11 8.75
CA PHE E 32 -33.07 -4.15 9.70
C PHE E 32 -33.47 -4.65 11.10
N GLY E 33 -34.44 -5.56 11.15
CA GLY E 33 -34.87 -6.16 12.42
C GLY E 33 -34.01 -7.38 12.72
N THR E 34 -33.81 -8.18 11.68
CA THR E 34 -32.97 -9.37 11.75
C THR E 34 -31.53 -9.05 11.35
N TRP E 35 -31.14 -7.79 11.56
CA TRP E 35 -29.78 -7.35 11.25
C TRP E 35 -28.81 -7.84 12.31
N ILE E 36 -27.84 -8.63 11.88
CA ILE E 36 -26.91 -9.32 12.78
C ILE E 36 -25.52 -8.70 12.85
N TYR E 37 -25.33 -7.58 12.14
CA TYR E 37 -24.02 -6.95 12.04
C TYR E 37 -23.87 -5.67 12.88
N SER E 38 -22.65 -5.41 13.32
CA SER E 38 -22.35 -4.25 14.18
C SER E 38 -22.35 -2.91 13.43
N VAL E 39 -22.53 -2.97 12.11
CA VAL E 39 -22.72 -1.78 11.30
C VAL E 39 -24.12 -1.25 11.59
N ASN E 40 -24.16 -0.04 12.15
CA ASN E 40 -25.39 0.48 12.73
C ASN E 40 -26.61 0.37 11.83
N LYS E 41 -27.61 -0.35 12.31
CA LYS E 41 -28.89 -0.50 11.62
C LYS E 41 -29.58 0.84 11.43
N GLU E 42 -29.46 1.71 12.43
CA GLU E 42 -30.05 3.06 12.39
C GLU E 42 -29.38 3.97 11.35
N GLN E 43 -28.04 4.03 11.38
CA GLN E 43 -27.26 4.86 10.47
C GLN E 43 -27.37 4.44 8.99
N LEU E 44 -27.59 3.15 8.77
CA LEU E 44 -27.77 2.62 7.42
C LEU E 44 -29.11 3.03 6.82
N ALA E 45 -30.19 2.91 7.59
CA ALA E 45 -31.52 3.35 7.14
C ALA E 45 -31.57 4.86 6.94
N ARG E 46 -30.92 5.61 7.82
CA ARG E 46 -30.89 7.06 7.80
C ARG E 46 -30.17 7.61 6.56
N ALA E 47 -29.11 6.91 6.13
CA ALA E 47 -28.35 7.29 4.95
C ALA E 47 -29.01 6.79 3.66
N GLY E 48 -30.16 6.15 3.81
CA GLY E 48 -30.96 5.69 2.69
C GLY E 48 -30.64 4.28 2.25
N PHE E 49 -30.28 3.42 3.21
CA PHE E 49 -30.00 2.02 2.91
C PHE E 49 -31.01 1.07 3.51
N TYR E 50 -31.21 -0.05 2.84
CA TYR E 50 -32.11 -1.10 3.30
C TYR E 50 -31.48 -2.46 2.94
N ALA E 51 -31.59 -3.42 3.87
CA ALA E 51 -31.00 -4.76 3.67
C ALA E 51 -31.75 -5.56 2.61
N LEU E 52 -30.99 -6.17 1.70
CA LEU E 52 -31.56 -6.89 0.55
C LEU E 52 -32.10 -8.27 0.89
N GLY E 53 -31.53 -8.89 1.94
CA GLY E 53 -31.88 -10.25 2.33
C GLY E 53 -30.66 -11.12 2.54
N GLU E 54 -29.66 -10.97 1.67
CA GLU E 54 -28.40 -11.73 1.76
C GLU E 54 -27.29 -10.94 2.44
N GLY E 55 -26.42 -11.66 3.17
CA GLY E 55 -25.24 -11.10 3.85
C GLY E 55 -25.43 -9.73 4.48
N ASP E 56 -24.43 -8.85 4.32
CA ASP E 56 -24.58 -7.45 4.68
C ASP E 56 -24.89 -6.59 3.45
N LYS E 57 -25.55 -7.22 2.46
CA LYS E 57 -25.91 -6.57 1.19
C LYS E 57 -27.04 -5.56 1.34
N VAL E 58 -26.70 -4.28 1.18
CA VAL E 58 -27.68 -3.19 1.23
C VAL E 58 -27.82 -2.45 -0.11
N LYS E 59 -28.82 -1.56 -0.18
CA LYS E 59 -29.01 -0.69 -1.34
C LYS E 59 -29.55 0.69 -0.93
N CYS E 60 -29.20 1.70 -1.73
CA CYS E 60 -29.75 3.03 -1.56
C CYS E 60 -31.10 3.11 -2.26
N PHE E 61 -32.15 3.47 -1.50
CA PHE E 61 -33.52 3.55 -2.05
C PHE E 61 -33.60 4.52 -3.23
N HIS E 62 -32.69 5.49 -3.25
CA HIS E 62 -32.69 6.53 -4.26
C HIS E 62 -31.81 6.17 -5.46
N CYS E 63 -30.52 6.01 -5.23
CA CYS E 63 -29.57 5.75 -6.31
C CYS E 63 -29.27 4.26 -6.48
N GLY E 64 -29.80 3.43 -5.59
CA GLY E 64 -29.57 1.98 -5.65
C GLY E 64 -28.09 1.64 -5.52
N GLY E 65 -27.42 2.31 -4.60
CA GLY E 65 -26.03 2.04 -4.36
C GLY E 65 -25.85 0.80 -3.53
N GLY E 66 -25.39 -0.28 -4.17
CA GLY E 66 -25.12 -1.54 -3.46
C GLY E 66 -23.88 -1.47 -2.60
N LEU E 67 -23.90 -2.11 -1.44
CA LEU E 67 -22.73 -2.20 -0.55
C LEU E 67 -22.74 -3.43 0.36
N THR E 68 -21.57 -4.02 0.55
CA THR E 68 -21.36 -5.23 1.37
C THR E 68 -20.07 -5.06 2.17
N ASP E 69 -19.63 -6.15 2.81
CA ASP E 69 -18.33 -6.23 3.51
C ASP E 69 -18.13 -5.15 4.57
N TRP E 70 -19.23 -4.58 5.07
CA TRP E 70 -19.21 -3.49 6.05
C TRP E 70 -18.42 -3.80 7.31
N LYS E 71 -17.56 -2.88 7.71
CA LYS E 71 -16.75 -3.02 8.92
C LYS E 71 -17.60 -2.62 10.13
N PRO E 72 -17.40 -3.28 11.26
CA PRO E 72 -18.23 -3.06 12.46
C PRO E 72 -18.47 -1.59 12.84
N SER E 73 -17.73 -0.66 12.25
CA SER E 73 -17.87 0.75 12.61
C SER E 73 -17.93 1.73 11.42
N GLU E 74 -18.03 1.19 10.21
CA GLU E 74 -18.08 2.01 8.99
C GLU E 74 -19.31 2.88 8.90
N ASP E 75 -19.13 4.17 9.14
CA ASP E 75 -20.21 5.16 9.02
C ASP E 75 -20.73 5.16 7.58
N PRO E 76 -22.01 4.81 7.40
CA PRO E 76 -22.63 4.72 6.09
C PRO E 76 -22.49 6.02 5.31
N TRP E 77 -22.74 7.16 5.98
CA TRP E 77 -22.64 8.46 5.35
C TRP E 77 -21.33 8.67 4.57
N GLU E 78 -20.21 8.37 5.20
CA GLU E 78 -18.90 8.40 4.56
C GLU E 78 -18.85 7.46 3.34
N GLN E 79 -19.33 6.23 3.53
CA GLN E 79 -19.30 5.20 2.50
C GLN E 79 -20.18 5.52 1.30
N HIS E 80 -21.34 6.12 1.57
CA HIS E 80 -22.29 6.50 0.52
C HIS E 80 -21.66 7.53 -0.43
N ALA E 81 -21.05 8.55 0.17
CA ALA E 81 -20.30 9.55 -0.59
C ALA E 81 -19.24 8.84 -1.40
N LYS E 82 -18.35 8.13 -0.70
CA LYS E 82 -17.24 7.41 -1.31
C LYS E 82 -17.63 6.65 -2.58
N TRP E 83 -18.65 5.80 -2.49
CA TRP E 83 -18.95 4.85 -3.57
C TRP E 83 -19.97 5.31 -4.61
N TYR E 84 -20.86 6.21 -4.20
CA TYR E 84 -21.90 6.71 -5.08
C TYR E 84 -22.01 8.21 -4.93
N PRO E 85 -21.01 8.94 -5.48
CA PRO E 85 -20.79 10.36 -5.21
C PRO E 85 -21.86 11.23 -5.83
N GLY E 86 -22.69 10.63 -6.68
CA GLY E 86 -23.72 11.37 -7.39
C GLY E 86 -25.13 11.23 -6.89
N CYS E 87 -25.34 10.48 -5.81
CA CYS E 87 -26.67 10.28 -5.23
C CYS E 87 -27.29 11.60 -4.80
N LYS E 88 -28.43 11.94 -5.40
CA LYS E 88 -29.09 13.21 -5.10
C LYS E 88 -29.61 13.26 -3.67
N TYR E 89 -30.04 12.11 -3.14
CA TYR E 89 -30.45 12.03 -1.75
C TYR E 89 -29.28 12.42 -0.87
N LEU E 90 -28.14 11.76 -1.10
CA LEU E 90 -26.91 12.09 -0.41
C LEU E 90 -26.61 13.59 -0.50
N LEU E 91 -26.65 14.13 -1.73
CA LEU E 91 -26.46 15.55 -1.95
C LEU E 91 -27.48 16.35 -1.16
N GLU E 92 -28.73 15.87 -1.17
CA GLU E 92 -29.82 16.54 -0.47
C GLU E 92 -29.57 16.59 1.04
N GLN E 93 -29.20 15.45 1.60
CA GLN E 93 -29.06 15.34 3.06
C GLN E 93 -27.72 15.87 3.59
N LYS E 94 -26.73 16.01 2.70
CA LYS E 94 -25.36 16.26 3.15
C LYS E 94 -24.67 17.51 2.60
N GLY E 95 -25.03 17.94 1.41
CA GLY E 95 -24.39 19.09 0.75
C GLY E 95 -23.03 18.75 0.15
N GLN E 96 -22.75 19.32 -1.04
CA GLN E 96 -21.58 18.91 -1.82
C GLN E 96 -20.23 19.09 -1.14
N GLU E 97 -20.11 20.05 -0.24
CA GLU E 97 -18.84 20.20 0.47
C GLU E 97 -18.54 18.94 1.28
N TYR E 98 -19.57 18.37 1.89
CA TYR E 98 -19.42 17.11 2.62
C TYR E 98 -18.81 16.07 1.70
N ILE E 99 -19.53 15.75 0.63
CA ILE E 99 -19.08 14.78 -0.37
C ILE E 99 -17.65 15.06 -0.75
N ASN E 100 -17.34 16.32 -1.07
CA ASN E 100 -16.00 16.71 -1.48
C ASN E 100 -14.97 16.42 -0.40
N ASN E 101 -15.27 16.82 0.83
CA ASN E 101 -14.36 16.63 1.96
C ASN E 101 -14.07 15.18 2.30
N ILE E 102 -15.06 14.31 2.10
CA ILE E 102 -14.86 12.87 2.30
C ILE E 102 -13.79 12.38 1.33
N HIS E 103 -13.93 12.77 0.06
CA HIS E 103 -13.00 12.36 -0.97
C HIS E 103 -11.63 13.01 -0.86
N LEU E 104 -11.62 14.27 -0.44
CA LEU E 104 -10.37 15.02 -0.24
C LEU E 104 -9.51 14.44 0.88
N THR E 105 -10.16 13.87 1.90
CA THR E 105 -9.43 13.18 2.95
C THR E 105 -8.45 12.46 2.02
N HIS E 106 -9.02 11.62 1.14
CA HIS E 106 -8.25 10.69 0.32
C HIS E 106 -7.46 9.94 1.37
N SER E 107 -6.07 9.85 1.58
CA SER E 107 -4.97 9.13 2.22
C SER E 107 -3.65 9.88 2.06
N ASN F 15 -11.52 -32.51 35.82
CA ASN F 15 -12.51 -31.64 35.13
C ASN F 15 -11.86 -30.33 34.68
N LEU F 16 -10.97 -30.44 33.71
CA LEU F 16 -10.21 -29.27 33.23
C LEU F 16 -10.68 -28.85 31.85
N PRO F 17 -10.59 -27.54 31.53
CA PRO F 17 -11.07 -26.99 30.24
C PRO F 17 -10.55 -27.73 29.01
N ARG F 18 -11.46 -28.04 28.09
CA ARG F 18 -11.12 -28.69 26.81
C ARG F 18 -10.08 -27.91 26.02
N ASN F 19 -10.11 -26.59 26.16
CA ASN F 19 -9.12 -25.71 25.54
C ASN F 19 -8.55 -24.69 26.55
N PRO F 20 -7.49 -25.10 27.28
CA PRO F 20 -6.78 -24.20 28.20
C PRO F 20 -5.97 -23.15 27.44
N SER F 21 -5.69 -23.43 26.17
CA SER F 21 -5.09 -22.44 25.27
C SER F 21 -5.94 -21.17 25.30
N MET F 22 -7.26 -21.34 25.34
CA MET F 22 -8.18 -20.21 25.49
C MET F 22 -8.67 -20.00 26.93
N ALA F 23 -7.88 -20.47 27.90
CA ALA F 23 -8.22 -20.32 29.32
C ALA F 23 -8.21 -18.85 29.77
N ASP F 24 -7.51 -18.02 29.01
CA ASP F 24 -7.42 -16.58 29.31
C ASP F 24 -8.49 -15.75 28.63
N TYR F 25 -8.93 -14.71 29.31
CA TYR F 25 -9.83 -13.72 28.74
C TYR F 25 -9.12 -12.98 27.61
N GLU F 26 -7.84 -12.67 27.86
CA GLU F 26 -6.98 -11.99 26.88
C GLU F 26 -6.81 -12.84 25.61
N ALA F 27 -6.81 -14.15 25.79
CA ALA F 27 -6.73 -15.10 24.68
C ALA F 27 -7.98 -15.09 23.81
N ARG F 28 -9.13 -14.87 24.45
CA ARG F 28 -10.42 -14.96 23.75
C ARG F 28 -10.78 -13.71 22.95
N ILE F 29 -10.78 -12.53 23.57
CA ILE F 29 -11.10 -11.28 22.86
C ILE F 29 -10.15 -11.02 21.68
N PHE F 30 -8.95 -11.61 21.74
CA PHE F 30 -7.97 -11.53 20.67
C PHE F 30 -8.56 -12.04 19.35
N THR F 31 -9.25 -13.17 19.40
CA THR F 31 -9.92 -13.75 18.23
C THR F 31 -11.09 -12.87 17.76
N PHE F 32 -11.63 -12.06 18.66
CA PHE F 32 -12.75 -11.18 18.33
C PHE F 32 -12.31 -9.82 17.74
N GLY F 33 -11.02 -9.67 17.47
CA GLY F 33 -10.48 -8.46 16.84
C GLY F 33 -11.06 -8.25 15.44
N THR F 34 -11.46 -9.35 14.83
CA THR F 34 -12.09 -9.33 13.50
C THR F 34 -13.63 -9.43 13.57
N TRP F 35 -14.19 -9.07 14.74
CA TRP F 35 -15.63 -9.27 14.97
C TRP F 35 -16.53 -8.23 14.29
N ILE F 36 -17.32 -8.71 13.34
CA ILE F 36 -18.15 -7.88 12.49
C ILE F 36 -19.64 -8.09 12.78
N TYR F 37 -19.91 -8.64 13.96
CA TYR F 37 -21.29 -8.98 14.37
C TYR F 37 -21.82 -8.14 15.52
N SER F 38 -23.15 -7.99 15.52
CA SER F 38 -23.88 -7.21 16.51
C SER F 38 -23.63 -7.75 17.91
N VAL F 39 -23.55 -9.08 17.98
CA VAL F 39 -23.36 -9.80 19.24
C VAL F 39 -22.10 -9.31 19.95
N ASN F 40 -22.31 -8.70 21.11
CA ASN F 40 -21.25 -8.13 21.93
C ASN F 40 -20.03 -9.05 22.13
N LYS F 41 -18.91 -8.65 21.55
CA LYS F 41 -17.67 -9.43 21.58
C LYS F 41 -17.04 -9.59 22.98
N GLU F 42 -17.23 -8.60 23.84
CA GLU F 42 -16.75 -8.67 25.23
C GLU F 42 -17.53 -9.71 26.02
N GLN F 43 -18.84 -9.75 25.78
CA GLN F 43 -19.71 -10.67 26.49
C GLN F 43 -19.38 -12.11 26.14
N LEU F 44 -19.30 -12.39 24.84
CA LEU F 44 -18.97 -13.73 24.33
C LEU F 44 -17.69 -14.27 24.95
N ALA F 45 -16.64 -13.44 24.98
CA ALA F 45 -15.37 -13.81 25.60
C ALA F 45 -15.54 -14.01 27.10
N ARG F 46 -16.44 -13.24 27.70
CA ARG F 46 -16.69 -13.34 29.14
C ARG F 46 -17.43 -14.62 29.51
N ALA F 47 -18.27 -15.10 28.60
CA ALA F 47 -18.97 -16.36 28.82
C ALA F 47 -18.06 -17.56 28.55
N GLY F 48 -16.83 -17.29 28.08
CA GLY F 48 -15.86 -18.34 27.77
C GLY F 48 -15.77 -18.70 26.29
N PHE F 49 -16.30 -17.84 25.43
CA PHE F 49 -16.27 -18.08 23.98
C PHE F 49 -15.08 -17.44 23.28
N TYR F 50 -14.61 -18.10 22.22
CA TYR F 50 -13.61 -17.55 21.31
C TYR F 50 -14.03 -17.77 19.86
N ALA F 51 -13.67 -16.83 19.00
CA ALA F 51 -14.00 -16.95 17.58
C ALA F 51 -13.18 -18.04 16.91
N LEU F 52 -13.56 -18.41 15.68
CA LEU F 52 -12.92 -19.52 14.98
C LEU F 52 -12.57 -19.20 13.53
N GLY F 53 -12.66 -17.92 13.18
CA GLY F 53 -12.44 -17.51 11.80
C GLY F 53 -13.72 -17.56 11.01
N GLU F 54 -14.41 -18.71 11.06
CA GLU F 54 -15.70 -18.90 10.39
C GLU F 54 -16.79 -18.05 11.02
N GLY F 55 -17.70 -17.57 10.17
CA GLY F 55 -18.81 -16.68 10.53
C GLY F 55 -18.87 -16.17 11.95
N ASP F 56 -20.03 -16.34 12.58
CA ASP F 56 -20.20 -16.05 13.99
C ASP F 56 -19.74 -17.25 14.81
N LYS F 57 -19.35 -18.31 14.09
CA LYS F 57 -18.87 -19.57 14.65
C LYS F 57 -17.91 -19.36 15.83
N VAL F 58 -18.35 -19.81 17.00
CA VAL F 58 -17.56 -19.75 18.23
C VAL F 58 -17.58 -21.09 18.97
N LYS F 59 -16.56 -21.33 19.80
CA LYS F 59 -16.53 -22.45 20.72
C LYS F 59 -16.33 -21.95 22.15
N CYS F 60 -16.57 -22.83 23.12
CA CYS F 60 -16.27 -22.53 24.52
C CYS F 60 -14.96 -23.20 24.92
N PHE F 61 -14.17 -22.51 25.73
CA PHE F 61 -12.85 -22.98 26.14
C PHE F 61 -12.92 -24.15 27.12
N HIS F 62 -14.05 -24.27 27.81
CA HIS F 62 -14.20 -25.28 28.85
C HIS F 62 -14.95 -26.51 28.36
N CYS F 63 -16.25 -26.36 28.13
CA CYS F 63 -17.07 -27.48 27.69
C CYS F 63 -16.81 -27.81 26.22
N GLY F 64 -16.11 -26.91 25.54
CA GLY F 64 -15.76 -27.11 24.13
C GLY F 64 -16.96 -27.05 23.22
N GLY F 65 -18.04 -26.43 23.69
CA GLY F 65 -19.30 -26.37 22.96
C GLY F 65 -19.29 -25.23 21.97
N GLY F 66 -19.77 -25.50 20.76
CA GLY F 66 -19.77 -24.51 19.68
C GLY F 66 -21.14 -24.01 19.25
N LEU F 67 -21.23 -22.70 18.99
CA LEU F 67 -22.49 -22.03 18.61
C LEU F 67 -22.40 -21.11 17.39
N THR F 68 -23.42 -21.16 16.53
CA THR F 68 -23.49 -20.35 15.33
C THR F 68 -24.89 -19.79 15.17
N ASP F 69 -25.07 -18.85 14.25
CA ASP F 69 -26.36 -18.22 13.96
C ASP F 69 -26.92 -17.46 15.16
N TRP F 70 -26.05 -16.69 15.82
CA TRP F 70 -26.47 -15.83 16.91
C TRP F 70 -27.52 -14.81 16.46
N LYS F 71 -28.19 -14.20 17.44
CA LYS F 71 -29.15 -13.13 17.19
C LYS F 71 -28.56 -11.79 17.64
N PRO F 72 -29.16 -10.68 17.23
CA PRO F 72 -28.67 -9.35 17.61
C PRO F 72 -28.84 -9.09 19.11
N SER F 73 -29.95 -9.54 19.66
CA SER F 73 -30.29 -9.37 21.07
C SER F 73 -29.76 -10.50 21.95
N GLU F 74 -29.80 -11.73 21.42
CA GLU F 74 -29.40 -12.92 22.16
C GLU F 74 -28.32 -12.64 23.21
N ASP F 75 -28.44 -13.34 24.33
CA ASP F 75 -27.45 -13.24 25.41
C ASP F 75 -26.48 -14.41 25.36
N PRO F 76 -25.17 -14.11 25.46
CA PRO F 76 -24.09 -15.13 25.43
C PRO F 76 -24.13 -16.11 26.60
N TRP F 77 -24.48 -15.61 27.78
CA TRP F 77 -24.59 -16.46 28.96
C TRP F 77 -25.77 -17.39 28.85
N GLU F 78 -26.93 -16.82 28.52
CA GLU F 78 -28.16 -17.60 28.32
C GLU F 78 -27.90 -18.74 27.36
N GLN F 79 -27.50 -18.40 26.13
CA GLN F 79 -27.30 -19.38 25.07
C GLN F 79 -26.30 -20.48 25.43
N HIS F 80 -25.28 -20.12 26.18
CA HIS F 80 -24.33 -21.10 26.70
C HIS F 80 -25.11 -22.15 27.47
N ALA F 81 -25.69 -21.72 28.59
CA ALA F 81 -26.52 -22.55 29.44
C ALA F 81 -27.66 -23.20 28.66
N LYS F 82 -28.20 -22.48 27.69
CA LYS F 82 -29.35 -22.94 26.91
C LYS F 82 -29.06 -24.23 26.12
N TRP F 83 -27.78 -24.44 25.81
CA TRP F 83 -27.35 -25.57 24.97
C TRP F 83 -26.32 -26.46 25.66
N TYR F 84 -25.53 -25.84 26.53
CA TYR F 84 -24.46 -26.52 27.26
C TYR F 84 -24.54 -26.22 28.75
N PRO F 85 -25.63 -26.69 29.40
CA PRO F 85 -25.77 -26.54 30.84
C PRO F 85 -24.73 -27.39 31.53
N GLY F 86 -24.27 -28.43 30.84
CA GLY F 86 -23.18 -29.27 31.29
C GLY F 86 -22.01 -28.45 31.80
N CYS F 87 -21.65 -27.40 31.06
CA CYS F 87 -20.48 -26.55 31.39
C CYS F 87 -20.30 -26.27 32.87
N LYS F 88 -19.11 -26.59 33.38
CA LYS F 88 -18.77 -26.31 34.78
C LYS F 88 -18.33 -24.86 34.97
N TYR F 89 -17.71 -24.29 33.95
CA TYR F 89 -17.28 -22.89 33.99
C TYR F 89 -18.48 -21.95 34.04
N LEU F 90 -19.53 -22.32 33.29
CA LEU F 90 -20.82 -21.64 33.34
C LEU F 90 -21.42 -21.74 34.74
N LEU F 91 -21.28 -22.92 35.36
CA LEU F 91 -21.74 -23.16 36.73
C LEU F 91 -20.97 -22.28 37.71
N GLU F 92 -19.64 -22.36 37.67
CA GLU F 92 -18.77 -21.54 38.51
C GLU F 92 -19.18 -20.08 38.47
N GLN F 93 -19.34 -19.55 37.26
CA GLN F 93 -19.58 -18.13 37.03
C GLN F 93 -21.04 -17.72 37.15
N LYS F 94 -21.96 -18.68 37.24
CA LYS F 94 -23.40 -18.37 37.30
C LYS F 94 -24.20 -19.10 38.39
N GLY F 95 -23.72 -20.27 38.80
CA GLY F 95 -24.44 -21.09 39.78
C GLY F 95 -25.54 -21.89 39.14
N GLN F 96 -25.88 -23.01 39.79
CA GLN F 96 -26.94 -23.91 39.33
C GLN F 96 -28.23 -23.19 38.99
N GLU F 97 -28.76 -22.47 39.98
CA GLU F 97 -30.07 -21.83 39.88
C GLU F 97 -30.28 -20.93 38.66
N TYR F 98 -29.23 -20.24 38.22
CA TYR F 98 -29.32 -19.47 36.98
C TYR F 98 -29.51 -20.38 35.78
N ILE F 99 -28.69 -21.44 35.71
CA ILE F 99 -28.74 -22.42 34.62
C ILE F 99 -30.13 -23.08 34.52
N ASN F 100 -30.56 -23.71 35.61
CA ASN F 100 -31.84 -24.40 35.64
C ASN F 100 -33.01 -23.53 35.19
N ASN F 101 -33.06 -22.30 35.69
CA ASN F 101 -34.11 -21.34 35.31
C ASN F 101 -34.12 -21.06 33.80
N ILE F 102 -32.93 -20.93 33.24
CA ILE F 102 -32.75 -20.70 31.80
C ILE F 102 -33.14 -21.95 30.99
N HIS F 103 -32.99 -23.12 31.62
CA HIS F 103 -33.19 -24.40 30.98
C HIS F 103 -34.65 -24.88 30.99
N LEU F 104 -35.54 -24.00 31.44
CA LEU F 104 -36.92 -24.36 31.72
C LEU F 104 -37.65 -24.84 30.49
N THR F 105 -37.46 -24.13 29.37
CA THR F 105 -38.10 -24.48 28.11
C THR F 105 -37.11 -24.57 26.96
N HIS F 106 -35.89 -25.02 27.26
CA HIS F 106 -34.87 -25.17 26.23
C HIS F 106 -34.60 -26.66 25.96
N SER F 107 -33.94 -26.95 24.85
CA SER F 107 -33.65 -28.35 24.48
C SER F 107 -32.20 -28.67 24.11
N LEU F 108 -31.50 -29.32 25.04
CA LEU F 108 -30.17 -29.86 24.84
C LEU F 108 -30.25 -31.33 24.44
N GLU F 109 -31.44 -31.91 24.59
CA GLU F 109 -31.70 -33.32 24.30
C GLU F 109 -31.31 -33.74 22.88
N GLU F 110 -31.12 -32.77 21.99
CA GLU F 110 -30.80 -33.04 20.59
C GLU F 110 -29.30 -32.93 20.23
N CYS F 111 -28.45 -32.73 21.22
CA CYS F 111 -27.01 -32.97 21.11
C CYS F 111 -26.82 -34.29 21.80
N LEU F 112 -27.36 -34.33 23.03
CA LEU F 112 -27.37 -35.49 23.90
C LEU F 112 -27.91 -36.75 23.20
N VAL F 113 -28.60 -36.54 22.07
CA VAL F 113 -29.09 -37.67 21.26
C VAL F 113 -28.24 -37.86 20.00
N ARG F 114 -27.88 -36.78 19.32
CA ARG F 114 -27.27 -36.87 17.99
C ARG F 114 -25.82 -37.36 18.00
N THR F 115 -25.12 -37.08 19.10
CA THR F 115 -23.75 -37.55 19.26
C THR F 115 -23.69 -38.97 19.79
N THR F 116 -24.85 -39.52 20.14
CA THR F 116 -24.93 -40.93 20.51
C THR F 116 -24.69 -41.81 19.28
N HIS F 117 -24.26 -41.17 18.20
CA HIS F 117 -24.00 -41.84 16.95
C HIS F 117 -22.51 -42.05 16.87
N HIS F 118 -22.10 -43.31 17.01
CA HIS F 118 -20.68 -43.70 16.98
C HIS F 118 -19.89 -42.94 18.04
N SER G 13 22.28 -23.78 18.43
CA SER G 13 23.14 -24.77 17.74
C SER G 13 22.31 -25.74 16.91
N THR G 14 21.71 -26.70 17.60
CA THR G 14 20.83 -27.70 16.97
C THR G 14 19.38 -27.44 17.41
N ASN G 15 18.46 -28.14 16.74
CA ASN G 15 17.04 -28.06 17.04
C ASN G 15 16.41 -29.42 16.81
N LEU G 16 15.86 -29.99 17.88
CA LEU G 16 15.03 -31.18 17.73
C LEU G 16 13.56 -30.77 17.83
N PRO G 17 12.74 -31.33 16.95
CA PRO G 17 11.32 -30.95 16.85
C PRO G 17 10.67 -30.62 18.18
N ARG G 18 9.73 -29.68 18.16
CA ARG G 18 8.97 -29.31 19.37
C ARG G 18 7.84 -30.30 19.66
N ASN G 19 7.41 -31.00 18.62
CA ASN G 19 6.43 -32.08 18.73
C ASN G 19 6.87 -33.29 17.90
N PRO G 20 7.61 -34.22 18.52
CA PRO G 20 8.23 -35.34 17.81
C PRO G 20 7.26 -36.47 17.45
N SER G 21 5.98 -36.29 17.76
CA SER G 21 4.95 -37.25 17.39
C SER G 21 4.26 -36.89 16.07
N MET G 22 4.52 -35.67 15.60
CA MET G 22 4.11 -35.27 14.25
C MET G 22 5.31 -35.25 13.31
N ALA G 23 6.30 -36.08 13.61
CA ALA G 23 7.56 -36.12 12.87
C ALA G 23 7.49 -36.89 11.56
N ASP G 24 6.43 -37.69 11.39
CA ASP G 24 6.25 -38.47 10.17
C ASP G 24 5.10 -37.97 9.30
N TYR G 25 5.41 -37.65 8.04
CA TYR G 25 4.45 -37.16 7.05
C TYR G 25 3.08 -37.80 7.24
N GLU G 26 3.09 -39.10 7.49
CA GLU G 26 1.87 -39.88 7.70
C GLU G 26 1.07 -39.34 8.89
N ALA G 27 1.72 -39.27 10.05
CA ALA G 27 1.09 -38.72 11.26
C ALA G 27 0.51 -37.32 11.02
N ARG G 28 1.07 -36.62 10.04
CA ARG G 28 0.59 -35.30 9.68
C ARG G 28 -0.66 -35.35 8.81
N ILE G 29 -0.58 -35.95 7.62
CA ILE G 29 -1.74 -36.11 6.78
C ILE G 29 -2.91 -36.70 7.57
N PHE G 30 -2.58 -37.41 8.64
CA PHE G 30 -3.56 -38.03 9.53
C PHE G 30 -4.60 -37.00 9.97
N THR G 31 -4.16 -35.77 10.22
CA THR G 31 -5.04 -34.71 10.71
C THR G 31 -5.72 -33.90 9.59
N PHE G 32 -5.32 -34.17 8.34
CA PHE G 32 -5.94 -33.51 7.18
C PHE G 32 -6.96 -34.39 6.47
N GLY G 33 -7.60 -35.29 7.20
CA GLY G 33 -8.67 -36.12 6.64
C GLY G 33 -9.94 -35.30 6.57
N THR G 34 -10.12 -34.46 7.57
CA THR G 34 -11.30 -33.59 7.69
C THR G 34 -10.99 -32.16 7.22
N TRP G 35 -9.91 -32.01 6.46
CA TRP G 35 -9.50 -30.72 5.93
C TRP G 35 -10.47 -30.27 4.83
N ILE G 36 -11.00 -29.05 5.01
CA ILE G 36 -12.06 -28.54 4.14
C ILE G 36 -11.61 -27.39 3.25
N TYR G 37 -10.33 -27.03 3.34
CA TYR G 37 -9.80 -25.84 2.66
C TYR G 37 -8.98 -26.15 1.42
N SER G 38 -9.04 -25.26 0.44
CA SER G 38 -8.35 -25.43 -0.86
C SER G 38 -6.83 -25.32 -0.76
N VAL G 39 -6.34 -25.03 0.44
CA VAL G 39 -4.90 -25.00 0.71
C VAL G 39 -4.40 -26.43 0.84
N ASN G 40 -3.56 -26.81 -0.12
CA ASN G 40 -3.20 -28.22 -0.31
C ASN G 40 -2.91 -28.98 0.99
N LYS G 41 -3.65 -30.07 1.18
CA LYS G 41 -3.49 -30.89 2.37
C LYS G 41 -2.21 -31.70 2.36
N GLU G 42 -1.72 -32.05 1.16
CA GLU G 42 -0.45 -32.76 1.04
C GLU G 42 0.75 -31.84 1.31
N GLN G 43 0.78 -30.70 0.60
CA GLN G 43 1.86 -29.72 0.71
C GLN G 43 2.04 -29.18 2.12
N LEU G 44 0.93 -29.10 2.86
CA LEU G 44 0.98 -28.68 4.25
C LEU G 44 1.71 -29.67 5.14
N ALA G 45 1.34 -30.95 5.06
CA ALA G 45 2.02 -32.02 5.80
C ALA G 45 3.49 -32.15 5.41
N ARG G 46 3.76 -32.09 4.11
CA ARG G 46 5.12 -32.22 3.56
C ARG G 46 6.07 -31.10 3.99
N ALA G 47 5.51 -29.92 4.26
CA ALA G 47 6.27 -28.78 4.80
C ALA G 47 6.38 -28.84 6.32
N GLY G 48 5.82 -29.90 6.90
CA GLY G 48 5.90 -30.15 8.33
C GLY G 48 4.77 -29.49 9.10
N PHE G 49 3.59 -29.47 8.50
CA PHE G 49 2.39 -28.91 9.15
C PHE G 49 1.32 -29.97 9.43
N TYR G 50 0.52 -29.69 10.46
CA TYR G 50 -0.59 -30.55 10.86
C TYR G 50 -1.70 -29.63 11.38
N ALA G 51 -2.95 -30.03 11.19
CA ALA G 51 -4.10 -29.24 11.63
C ALA G 51 -4.36 -29.42 13.11
N LEU G 52 -4.53 -28.30 13.81
CA LEU G 52 -4.70 -28.28 15.25
C LEU G 52 -6.09 -28.72 15.73
N GLY G 53 -7.10 -28.46 14.90
CA GLY G 53 -8.49 -28.77 15.25
C GLY G 53 -9.43 -27.64 14.85
N GLU G 54 -9.06 -26.41 15.21
CA GLU G 54 -9.86 -25.20 14.89
C GLU G 54 -9.47 -24.57 13.55
N GLY G 55 -10.44 -23.95 12.88
CA GLY G 55 -10.24 -23.23 11.62
C GLY G 55 -9.24 -23.81 10.63
N ASP G 56 -8.40 -22.95 10.05
CA ASP G 56 -7.30 -23.38 9.20
C ASP G 56 -5.99 -23.39 9.98
N LYS G 57 -6.11 -23.42 11.31
CA LYS G 57 -4.99 -23.36 12.25
C LYS G 57 -4.08 -24.60 12.17
N VAL G 58 -2.85 -24.37 11.71
CA VAL G 58 -1.84 -25.42 11.68
C VAL G 58 -0.62 -25.06 12.53
N LYS G 59 0.28 -26.02 12.71
CA LYS G 59 1.54 -25.78 13.39
C LYS G 59 2.64 -26.58 12.72
N CYS G 60 3.88 -26.10 12.84
CA CYS G 60 5.03 -26.85 12.38
C CYS G 60 5.45 -27.83 13.48
N PHE G 61 5.63 -29.09 13.10
CA PHE G 61 5.99 -30.15 14.05
C PHE G 61 7.36 -29.90 14.66
N HIS G 62 8.19 -29.16 13.91
CA HIS G 62 9.56 -28.90 14.32
C HIS G 62 9.71 -27.61 15.12
N CYS G 63 9.30 -26.49 14.53
CA CYS G 63 9.47 -25.21 15.18
C CYS G 63 8.20 -24.69 15.82
N GLY G 64 7.09 -25.42 15.66
CA GLY G 64 5.80 -24.99 16.20
C GLY G 64 5.30 -23.70 15.54
N GLY G 65 5.61 -23.55 14.25
CA GLY G 65 5.20 -22.39 13.50
C GLY G 65 3.71 -22.42 13.24
N GLY G 66 2.96 -21.57 13.94
CA GLY G 66 1.51 -21.47 13.78
C GLY G 66 1.07 -20.54 12.65
N LEU G 67 0.12 -21.00 11.83
CA LEU G 67 -0.38 -20.23 10.68
C LEU G 67 -1.88 -20.44 10.40
N THR G 68 -2.57 -19.34 10.14
CA THR G 68 -3.98 -19.38 9.75
C THR G 68 -4.25 -18.43 8.58
N ASP G 69 -5.52 -18.23 8.26
CA ASP G 69 -5.95 -17.35 7.16
C ASP G 69 -5.30 -17.69 5.81
N TRP G 70 -5.05 -18.98 5.61
CA TRP G 70 -4.47 -19.50 4.36
C TRP G 70 -5.33 -19.17 3.13
N LYS G 71 -4.68 -18.73 2.07
CA LYS G 71 -5.34 -18.45 0.80
C LYS G 71 -5.46 -19.75 0.02
N PRO G 72 -6.51 -19.90 -0.77
CA PRO G 72 -6.77 -21.14 -1.51
C PRO G 72 -5.61 -21.66 -2.37
N SER G 73 -4.51 -20.92 -2.45
CA SER G 73 -3.37 -21.34 -3.26
C SER G 73 -1.98 -21.11 -2.63
N GLU G 74 -1.95 -20.54 -1.42
CA GLU G 74 -0.71 -20.25 -0.70
C GLU G 74 0.18 -21.48 -0.56
N ASP G 75 1.35 -21.44 -1.19
CA ASP G 75 2.33 -22.52 -1.07
C ASP G 75 2.96 -22.50 0.32
N PRO G 76 2.68 -23.54 1.13
CA PRO G 76 3.17 -23.62 2.51
C PRO G 76 4.66 -23.35 2.60
N TRP G 77 5.45 -24.04 1.79
CA TRP G 77 6.90 -23.84 1.77
C TRP G 77 7.26 -22.36 1.82
N GLU G 78 6.70 -21.58 0.89
CA GLU G 78 6.89 -20.14 0.85
C GLU G 78 6.53 -19.49 2.20
N GLN G 79 5.30 -19.72 2.65
CA GLN G 79 4.81 -19.15 3.92
C GLN G 79 5.66 -19.53 5.13
N HIS G 80 6.13 -20.78 5.16
CA HIS G 80 6.97 -21.29 6.25
C HIS G 80 8.27 -20.48 6.32
N ALA G 81 8.93 -20.33 5.17
CA ALA G 81 10.15 -19.54 5.07
C ALA G 81 9.86 -18.14 5.57
N LYS G 82 8.94 -17.47 4.88
CA LYS G 82 8.48 -16.13 5.22
C LYS G 82 8.32 -15.92 6.74
N TRP G 83 7.52 -16.76 7.38
CA TRP G 83 7.09 -16.49 8.74
C TRP G 83 7.99 -17.00 9.87
N TYR G 84 8.72 -18.10 9.62
CA TYR G 84 9.60 -18.69 10.63
C TYR G 84 10.93 -19.07 9.99
N PRO G 85 11.71 -18.06 9.57
CA PRO G 85 12.88 -18.24 8.71
C PRO G 85 13.96 -19.14 9.30
N GLY G 86 13.89 -19.38 10.61
CA GLY G 86 14.89 -20.17 11.31
C GLY G 86 14.59 -21.65 11.52
N CYS G 87 13.42 -22.09 11.08
CA CYS G 87 13.03 -23.50 11.18
C CYS G 87 14.09 -24.40 10.55
N LYS G 88 14.70 -25.27 11.35
CA LYS G 88 15.74 -26.15 10.82
C LYS G 88 15.19 -27.22 9.87
N TYR G 89 13.97 -27.68 10.12
CA TYR G 89 13.34 -28.61 9.19
C TYR G 89 13.29 -27.96 7.81
N LEU G 90 12.74 -26.74 7.79
CA LEU G 90 12.73 -25.92 6.59
C LEU G 90 14.13 -25.78 6.01
N LEU G 91 15.11 -25.44 6.86
CA LEU G 91 16.49 -25.34 6.43
C LEU G 91 16.93 -26.64 5.77
N GLU G 92 16.74 -27.75 6.49
CA GLU G 92 17.12 -29.08 6.05
C GLU G 92 16.48 -29.50 4.71
N GLN G 93 15.19 -29.20 4.57
CA GLN G 93 14.45 -29.63 3.38
C GLN G 93 14.61 -28.73 2.15
N LYS G 94 15.12 -27.50 2.35
CA LYS G 94 15.02 -26.47 1.32
C LYS G 94 16.32 -25.75 0.93
N GLY G 95 17.24 -25.62 1.88
CA GLY G 95 18.52 -24.93 1.65
C GLY G 95 18.42 -23.43 1.91
N GLN G 96 19.40 -22.88 2.61
CA GLN G 96 19.35 -21.46 2.99
C GLN G 96 19.19 -20.47 1.83
N GLU G 97 19.64 -20.83 0.63
CA GLU G 97 19.37 -19.94 -0.50
C GLU G 97 17.87 -19.85 -0.73
N TYR G 98 17.17 -20.97 -0.61
CA TYR G 98 15.71 -20.98 -0.76
C TYR G 98 15.11 -19.94 0.19
N ILE G 99 15.25 -20.16 1.49
CA ILE G 99 14.76 -19.23 2.51
C ILE G 99 15.07 -17.79 2.11
N ASN G 100 16.32 -17.53 1.74
CA ASN G 100 16.75 -16.20 1.35
C ASN G 100 16.01 -15.65 0.13
N ASN G 101 15.92 -16.46 -0.92
CA ASN G 101 15.26 -16.06 -2.18
C ASN G 101 13.77 -15.78 -2.04
N ILE G 102 13.15 -16.41 -1.03
CA ILE G 102 11.76 -16.13 -0.70
C ILE G 102 11.63 -14.73 -0.14
N HIS G 103 12.58 -14.37 0.72
CA HIS G 103 12.59 -13.05 1.36
C HIS G 103 13.06 -11.94 0.45
N LEU G 104 13.98 -12.26 -0.47
CA LEU G 104 14.45 -11.32 -1.47
C LEU G 104 13.35 -10.92 -2.45
N THR G 105 12.49 -11.87 -2.79
CA THR G 105 11.33 -11.62 -3.65
C THR G 105 10.32 -10.69 -2.98
N HIS G 106 10.31 -10.68 -1.64
CA HIS G 106 9.43 -9.82 -0.83
C HIS G 106 9.66 -8.31 -1.08
N SER G 107 8.57 -7.58 -1.28
CA SER G 107 8.63 -6.13 -1.47
C SER G 107 7.62 -5.40 -0.60
N SER H 13 -46.73 -18.43 -7.79
CA SER H 13 -47.35 -18.37 -9.16
C SER H 13 -46.59 -19.22 -10.17
N THR H 14 -45.94 -18.58 -11.14
CA THR H 14 -45.19 -19.29 -12.16
C THR H 14 -43.85 -19.79 -11.60
N ASN H 15 -43.55 -21.05 -11.86
CA ASN H 15 -42.30 -21.65 -11.38
C ASN H 15 -41.08 -20.88 -11.84
N LEU H 16 -40.70 -19.86 -11.07
CA LEU H 16 -39.54 -19.04 -11.39
C LEU H 16 -38.52 -19.06 -10.26
N PRO H 17 -37.28 -18.71 -10.58
CA PRO H 17 -36.21 -18.70 -9.58
C PRO H 17 -36.42 -17.67 -8.46
N ARG H 18 -36.22 -18.11 -7.21
CA ARG H 18 -36.28 -17.24 -6.03
C ARG H 18 -35.29 -16.08 -6.14
N ASN H 19 -34.16 -16.34 -6.79
CA ASN H 19 -33.14 -15.32 -7.07
C ASN H 19 -32.68 -15.33 -8.53
N PRO H 20 -33.38 -14.57 -9.40
CA PRO H 20 -32.97 -14.33 -10.79
C PRO H 20 -31.72 -13.45 -10.89
N SER H 21 -31.47 -12.63 -9.87
CA SER H 21 -30.23 -11.89 -9.76
C SER H 21 -29.06 -12.85 -9.96
N MET H 22 -29.19 -14.05 -9.40
CA MET H 22 -28.20 -15.12 -9.57
C MET H 22 -28.60 -16.16 -10.62
N ALA H 23 -29.46 -15.76 -11.56
CA ALA H 23 -29.89 -16.64 -12.65
C ALA H 23 -28.74 -16.98 -13.61
N ASP H 24 -27.64 -16.25 -13.47
CA ASP H 24 -26.46 -16.45 -14.30
C ASP H 24 -25.35 -17.23 -13.61
N TYR H 25 -24.62 -18.01 -14.41
CA TYR H 25 -23.41 -18.69 -13.96
C TYR H 25 -22.33 -17.66 -13.67
N GLU H 26 -22.26 -16.63 -14.51
CA GLU H 26 -21.34 -15.51 -14.33
C GLU H 26 -21.63 -14.74 -13.05
N ALA H 27 -22.90 -14.74 -12.65
CA ALA H 27 -23.34 -14.12 -11.40
C ALA H 27 -22.92 -14.93 -10.19
N ARG H 28 -22.84 -16.24 -10.36
CA ARG H 28 -22.58 -17.15 -9.24
C ARG H 28 -21.08 -17.40 -8.94
N ILE H 29 -20.27 -17.70 -9.95
CA ILE H 29 -18.83 -17.89 -9.72
C ILE H 29 -18.15 -16.65 -9.15
N PHE H 30 -18.72 -15.48 -9.46
CA PHE H 30 -18.17 -14.21 -8.99
C PHE H 30 -18.13 -14.12 -7.47
N THR H 31 -19.17 -14.64 -6.82
CA THR H 31 -19.22 -14.68 -5.35
C THR H 31 -18.20 -15.66 -4.77
N PHE H 32 -17.76 -16.62 -5.60
CA PHE H 32 -16.76 -17.61 -5.19
C PHE H 32 -15.32 -17.16 -5.42
N GLY H 33 -15.11 -15.89 -5.78
CA GLY H 33 -13.76 -15.34 -5.99
C GLY H 33 -12.97 -15.30 -4.69
N THR H 34 -13.69 -15.41 -3.58
CA THR H 34 -13.12 -15.43 -2.23
C THR H 34 -13.16 -16.84 -1.62
N TRP H 35 -13.42 -17.85 -2.45
CA TRP H 35 -13.58 -19.22 -1.96
C TRP H 35 -12.29 -19.85 -1.49
N ILE H 36 -12.23 -20.07 -0.18
CA ILE H 36 -11.04 -20.60 0.49
C ILE H 36 -11.26 -22.04 0.93
N TYR H 37 -12.24 -22.69 0.31
CA TYR H 37 -12.66 -24.05 0.67
C TYR H 37 -12.36 -25.08 -0.40
N SER H 38 -12.20 -26.34 0.04
CA SER H 38 -11.89 -27.47 -0.83
C SER H 38 -12.99 -27.70 -1.83
N VAL H 39 -14.23 -27.64 -1.35
CA VAL H 39 -15.41 -27.86 -2.16
C VAL H 39 -15.32 -27.03 -3.43
N ASN H 40 -15.15 -27.73 -4.55
CA ASN H 40 -14.99 -27.11 -5.85
C ASN H 40 -15.97 -25.96 -6.11
N LYS H 41 -15.43 -24.80 -6.49
CA LYS H 41 -16.22 -23.59 -6.65
C LYS H 41 -17.01 -23.52 -7.98
N GLU H 42 -16.51 -24.22 -9.00
CA GLU H 42 -17.17 -24.23 -10.31
C GLU H 42 -18.38 -25.16 -10.29
N GLN H 43 -18.29 -26.23 -9.49
CA GLN H 43 -19.36 -27.20 -9.38
C GLN H 43 -20.55 -26.60 -8.66
N LEU H 44 -20.28 -25.92 -7.55
CA LEU H 44 -21.31 -25.27 -6.75
C LEU H 44 -22.07 -24.21 -7.54
N ALA H 45 -21.35 -23.42 -8.33
CA ALA H 45 -21.98 -22.46 -9.23
C ALA H 45 -22.83 -23.20 -10.25
N ARG H 46 -22.30 -24.32 -10.73
CA ARG H 46 -22.99 -25.15 -11.73
C ARG H 46 -24.21 -25.88 -11.18
N ALA H 47 -24.23 -26.14 -9.87
CA ALA H 47 -25.38 -26.77 -9.24
C ALA H 47 -26.48 -25.77 -8.92
N GLY H 48 -26.20 -24.49 -9.14
CA GLY H 48 -27.16 -23.41 -8.90
C GLY H 48 -26.87 -22.57 -7.67
N PHE H 49 -25.76 -22.89 -7.00
CA PHE H 49 -25.38 -22.21 -5.75
C PHE H 49 -24.58 -20.94 -5.98
N TYR H 50 -24.71 -20.02 -5.02
CA TYR H 50 -23.85 -18.84 -4.93
C TYR H 50 -23.44 -18.61 -3.48
N ALA H 51 -22.24 -18.05 -3.29
CA ALA H 51 -21.74 -17.78 -1.95
C ALA H 51 -22.49 -16.62 -1.30
N LEU H 52 -22.38 -16.51 0.02
CA LEU H 52 -23.13 -15.51 0.79
C LEU H 52 -22.25 -14.65 1.68
N GLY H 53 -20.95 -14.89 1.65
CA GLY H 53 -20.01 -14.15 2.47
C GLY H 53 -19.61 -14.91 3.72
N GLU H 54 -20.60 -15.41 4.47
CA GLU H 54 -20.36 -16.25 5.63
C GLU H 54 -19.78 -17.60 5.22
N GLY H 55 -18.91 -18.13 6.07
CA GLY H 55 -18.20 -19.41 5.84
C GLY H 55 -18.41 -20.10 4.51
N ASP H 56 -18.71 -21.39 4.56
CA ASP H 56 -19.05 -22.15 3.35
C ASP H 56 -20.49 -21.86 2.92
N LYS H 57 -21.20 -21.13 3.75
CA LYS H 57 -22.59 -20.78 3.51
C LYS H 57 -22.88 -20.42 2.06
N VAL H 58 -23.79 -21.18 1.46
CA VAL H 58 -24.26 -20.93 0.10
C VAL H 58 -25.79 -21.05 0.01
N LYS H 59 -26.35 -20.50 -1.06
CA LYS H 59 -27.78 -20.59 -1.39
C LYS H 59 -27.96 -20.97 -2.85
N CYS H 60 -29.12 -21.54 -3.20
CA CYS H 60 -29.47 -21.81 -4.59
C CYS H 60 -30.36 -20.71 -5.15
N PHE H 61 -30.16 -20.39 -6.43
CA PHE H 61 -30.86 -19.30 -7.10
C PHE H 61 -32.31 -19.64 -7.43
N HIS H 62 -32.63 -20.92 -7.50
CA HIS H 62 -33.98 -21.35 -7.89
C HIS H 62 -34.84 -21.69 -6.69
N CYS H 63 -34.49 -22.77 -6.00
CA CYS H 63 -35.27 -23.23 -4.86
C CYS H 63 -34.93 -22.46 -3.59
N GLY H 64 -33.84 -21.69 -3.65
CA GLY H 64 -33.44 -20.81 -2.55
C GLY H 64 -32.95 -21.53 -1.30
N GLY H 65 -32.57 -22.80 -1.46
CA GLY H 65 -32.11 -23.62 -0.36
C GLY H 65 -30.66 -23.34 0.03
N GLY H 66 -30.41 -23.25 1.34
CA GLY H 66 -29.08 -22.94 1.84
C GLY H 66 -28.33 -24.10 2.48
N LEU H 67 -27.06 -24.23 2.14
CA LEU H 67 -26.20 -25.33 2.64
C LEU H 67 -24.87 -24.88 3.25
N THR H 68 -24.48 -25.52 4.35
CA THR H 68 -23.22 -25.23 5.03
C THR H 68 -22.49 -26.51 5.47
N ASP H 69 -21.41 -26.34 6.22
CA ASP H 69 -20.56 -27.45 6.69
C ASP H 69 -20.33 -28.52 5.63
N TRP H 70 -20.06 -28.07 4.40
CA TRP H 70 -19.72 -28.99 3.32
C TRP H 70 -18.57 -29.94 3.70
N LYS H 71 -18.38 -30.97 2.90
CA LYS H 71 -17.25 -31.87 3.08
C LYS H 71 -16.22 -31.60 1.99
N PRO H 72 -15.01 -32.20 2.12
CA PRO H 72 -14.04 -32.05 1.03
C PRO H 72 -14.48 -32.82 -0.21
N SER H 73 -14.92 -34.06 -0.01
CA SER H 73 -15.33 -34.96 -1.08
C SER H 73 -16.72 -34.63 -1.63
N GLU H 74 -17.63 -34.30 -0.73
CA GLU H 74 -19.02 -34.04 -1.05
C GLU H 74 -19.26 -33.51 -2.46
N ASP H 75 -20.39 -33.90 -3.03
CA ASP H 75 -20.84 -33.41 -4.33
C ASP H 75 -21.90 -32.32 -4.16
N PRO H 76 -21.74 -31.19 -4.86
CA PRO H 76 -22.72 -30.10 -4.90
C PRO H 76 -24.08 -30.54 -5.45
N TRP H 77 -24.07 -31.38 -6.48
CA TRP H 77 -25.32 -31.88 -7.06
C TRP H 77 -26.05 -32.82 -6.12
N GLU H 78 -25.34 -33.84 -5.64
CA GLU H 78 -25.91 -34.80 -4.70
C GLU H 78 -26.58 -34.10 -3.54
N GLN H 79 -25.83 -33.21 -2.89
CA GLN H 79 -26.31 -32.48 -1.71
C GLN H 79 -27.53 -31.62 -2.02
N HIS H 80 -27.50 -30.98 -3.19
CA HIS H 80 -28.65 -30.20 -3.65
C HIS H 80 -29.90 -31.08 -3.57
N ALA H 81 -29.85 -32.19 -4.29
CA ALA H 81 -30.95 -33.15 -4.33
C ALA H 81 -31.20 -33.81 -2.96
N LYS H 82 -30.13 -34.03 -2.21
CA LYS H 82 -30.21 -34.71 -0.91
C LYS H 82 -30.99 -33.89 0.12
N TRP H 83 -31.06 -32.58 -0.10
CA TRP H 83 -31.73 -31.69 0.84
C TRP H 83 -32.91 -30.97 0.22
N TYR H 84 -32.79 -30.65 -1.06
CA TYR H 84 -33.82 -29.92 -1.81
C TYR H 84 -34.19 -30.59 -3.13
N PRO H 85 -34.84 -31.76 -3.02
CA PRO H 85 -35.32 -32.51 -4.18
C PRO H 85 -36.42 -31.70 -4.86
N GLY H 86 -37.11 -30.87 -4.08
CA GLY H 86 -38.12 -29.97 -4.60
C GLY H 86 -37.66 -29.18 -5.81
N CYS H 87 -36.36 -28.85 -5.85
CA CYS H 87 -35.80 -27.98 -6.90
C CYS H 87 -36.12 -28.43 -8.33
N LYS H 88 -36.76 -27.53 -9.08
CA LYS H 88 -37.10 -27.79 -10.47
C LYS H 88 -35.91 -27.60 -11.40
N TYR H 89 -35.02 -26.68 -11.04
CA TYR H 89 -33.79 -26.46 -11.81
C TYR H 89 -32.88 -27.69 -11.75
N LEU H 90 -32.84 -28.33 -10.57
CA LEU H 90 -32.15 -29.61 -10.41
C LEU H 90 -32.82 -30.68 -11.28
N LEU H 91 -34.15 -30.62 -11.36
CA LEU H 91 -34.94 -31.54 -12.20
C LEU H 91 -34.63 -31.31 -13.69
N GLU H 92 -34.61 -30.04 -14.08
CA GLU H 92 -34.25 -29.62 -15.44
C GLU H 92 -32.88 -30.18 -15.81
N GLN H 93 -31.91 -30.02 -14.92
CA GLN H 93 -30.51 -30.30 -15.21
C GLN H 93 -30.06 -31.73 -14.91
N LYS H 94 -30.88 -32.49 -14.18
CA LYS H 94 -30.53 -33.86 -13.76
C LYS H 94 -31.62 -34.91 -14.00
N GLY H 95 -32.86 -34.45 -14.10
CA GLY H 95 -34.00 -35.36 -14.28
C GLY H 95 -34.44 -36.03 -12.99
N GLN H 96 -35.68 -36.52 -12.98
CA GLN H 96 -36.27 -37.19 -11.83
C GLN H 96 -35.43 -38.33 -11.28
N GLU H 97 -35.15 -39.30 -12.14
CA GLU H 97 -34.50 -40.55 -11.75
C GLU H 97 -33.20 -40.37 -10.98
N TYR H 98 -32.41 -39.35 -11.32
CA TYR H 98 -31.18 -39.07 -10.57
C TYR H 98 -31.51 -38.62 -9.15
N ILE H 99 -32.43 -37.66 -9.05
CA ILE H 99 -32.88 -37.16 -7.75
C ILE H 99 -33.35 -38.34 -6.90
N ASN H 100 -34.41 -39.02 -7.36
CA ASN H 100 -34.95 -40.19 -6.68
C ASN H 100 -33.89 -41.17 -6.19
N ASN H 101 -32.98 -41.55 -7.07
CA ASN H 101 -31.89 -42.48 -6.75
C ASN H 101 -31.04 -42.01 -5.58
N ILE H 102 -30.76 -40.71 -5.56
CA ILE H 102 -29.95 -40.09 -4.52
C ILE H 102 -30.78 -39.93 -3.24
N HIS H 103 -32.09 -39.78 -3.42
CA HIS H 103 -33.02 -39.60 -2.33
C HIS H 103 -33.36 -40.91 -1.62
N LEU H 104 -32.96 -42.03 -2.21
CA LEU H 104 -33.22 -43.34 -1.64
C LEU H 104 -32.70 -43.51 -0.22
N THR H 105 -32.04 -42.47 0.30
CA THR H 105 -31.49 -42.51 1.65
C THR H 105 -31.36 -41.65 2.89
N HIS H 106 -30.81 -40.45 2.72
CA HIS H 106 -30.62 -39.53 3.84
C HIS H 106 -31.77 -38.62 3.41
N SER H 107 -31.88 -37.45 4.03
CA SER H 107 -31.32 -37.33 5.38
C SER H 107 -32.25 -36.64 6.37
N LEU H 108 -33.07 -35.72 5.87
CA LEU H 108 -34.02 -34.98 6.72
C LEU H 108 -35.37 -34.66 6.01
N GLU H 109 -36.49 -34.92 6.69
CA GLU H 109 -37.80 -34.28 6.52
C GLU H 109 -37.90 -33.18 7.58
N GLU H 110 -36.77 -32.86 8.20
CA GLU H 110 -36.70 -31.79 9.18
C GLU H 110 -36.43 -30.41 8.57
N CYS H 111 -36.84 -30.25 7.32
CA CYS H 111 -36.99 -28.95 6.68
C CYS H 111 -38.46 -28.67 6.68
N LEU H 112 -39.21 -29.67 6.24
CA LEU H 112 -40.64 -29.58 6.21
C LEU H 112 -41.22 -29.51 7.60
N VAL H 113 -40.80 -30.40 8.48
CA VAL H 113 -41.32 -30.39 9.83
C VAL H 113 -40.95 -29.17 10.65
N ARG H 114 -39.69 -28.78 10.57
CA ARG H 114 -39.05 -27.81 11.47
C ARG H 114 -39.56 -26.42 11.52
N THR H 115 -40.18 -25.99 10.43
CA THR H 115 -40.73 -24.65 10.33
C THR H 115 -42.11 -24.56 11.00
N THR H 116 -42.10 -24.22 12.28
CA THR H 116 -43.34 -24.10 13.04
C THR H 116 -44.42 -23.41 12.21
N HIS H 117 -44.00 -22.59 11.26
CA HIS H 117 -44.93 -21.86 10.40
C HIS H 117 -44.85 -22.36 8.97
ZN ZN I . -8.83 25.69 -8.67
CAU CZ3 J . 2.50 25.08 -4.46
CAQ CZ3 J . 2.73 26.48 -4.69
CAO CZ3 J . 3.32 27.25 -3.69
CAR CZ3 J . 3.69 26.67 -2.46
CAV CZ3 J . 3.46 25.31 -2.24
CCA CZ3 J . 2.88 24.52 -3.24
SBU CZ3 J . 2.61 22.81 -2.94
CCC CZ3 J . 1.13 22.99 -2.07
NBK CZ3 J . 0.51 24.10 -1.68
NBI CZ3 J . -0.51 23.73 -1.11
NBM CZ3 J . -0.59 22.49 -1.09
NCO CZ3 J . 0.39 22.00 -1.66
CBG CZ3 J . 0.70 20.58 -1.89
CCI CZ3 J . -0.51 19.82 -2.47
CBC CZ3 J . -1.54 19.58 -1.35
CBA CZ3 J . -2.09 18.20 -1.65
CBE CZ3 J . -0.87 17.44 -2.14
NCM CZ3 J . -0.09 18.47 -2.86
CBY CZ3 J . 0.85 18.20 -3.75
OAI CZ3 J . 1.45 19.10 -4.33
CCK CZ3 J . 1.22 16.76 -4.05
NBO CZ3 J . 1.54 16.72 -5.49
C CZ3 J . 0.82 15.98 -6.33
O CZ3 J . -0.12 15.26 -5.98
CA CZ3 J . 1.23 16.04 -7.80
CB CZ3 J . 0.51 17.20 -8.46
N CZ3 J . 0.86 14.79 -8.47
CAA CZ3 J . 1.48 13.61 -7.83
CCG CZ3 J . 2.41 16.37 -3.11
CAE CZ3 J . 3.03 15.02 -3.50
OBS CZ3 J . 3.41 17.46 -3.05
CAY CZ3 J . 4.09 17.60 -1.74
CAM CZ3 J . 3.76 18.84 -0.95
CAK CZ3 J . 3.63 19.66 0.03
CAL CZ3 J . 3.01 20.56 0.98
CAN CZ3 J . 2.32 20.88 2.02
CAZ CZ3 J . 1.18 21.15 2.94
OBT CZ3 J . 1.22 20.24 4.12
CCH CZ3 J . -0.06 20.05 4.83
CAF CZ3 J . -0.81 21.39 5.02
CCL CZ3 J . 0.08 19.32 6.22
NBP CZ3 J . 0.52 20.29 7.25
CBX CZ3 J . -0.18 20.63 8.34
OAH CZ3 J . 0.23 21.44 9.17
CCF CZ3 J . -1.57 19.97 8.52
CAD CZ3 J . -2.68 20.99 8.25
NBR CZ3 J . -1.69 19.48 9.90
CAB CZ3 J . -2.34 18.15 9.93
CBZ CZ3 J . 1.04 18.10 6.19
OAJ CZ3 J . 2.15 18.18 5.67
NCN CZ3 J . 0.70 16.94 6.77
CBF CZ3 J . -0.57 16.65 7.46
CBB CZ3 J . -0.27 15.43 8.36
CBD CZ3 J . 1.20 15.09 8.14
CCJ CZ3 J . 1.56 15.74 6.80
CBH CZ3 J . 1.21 14.78 5.65
NCP CZ3 J . 2.39 14.02 5.20
NBN CZ3 J . 2.74 12.93 5.63
NBJ CZ3 J . 3.78 12.58 5.03
NBL CZ3 J . 4.14 13.42 4.20
CCD CZ3 J . 3.26 14.40 4.28
SBV CZ3 J . 3.23 15.87 3.33
CCB CZ3 J . 1.89 15.44 2.27
CAW CZ3 J . 0.99 16.41 1.85
CAS CZ3 J . -0.07 16.03 1.02
CAP CZ3 J . -0.22 14.71 0.61
CAT CZ3 J . 0.69 13.74 1.03
CAX CZ3 J . 1.73 14.11 1.87
ZN ZN K . 31.43 12.59 -23.42
CAU CZ3 L . 26.91 17.15 -13.25
CAQ CZ3 L . 27.03 15.93 -12.49
CAO CZ3 L . 27.39 16.00 -11.14
CAR CZ3 L . 27.63 17.24 -10.54
CAV CZ3 L . 27.52 18.43 -11.29
CCA CZ3 L . 27.15 18.38 -12.63
SBU CZ3 L . 27.03 19.87 -13.56
CCC CZ3 L . 28.74 19.99 -13.96
NBK CZ3 L . 29.67 19.12 -13.61
NBI CZ3 L . 30.74 19.54 -14.08
NBM CZ3 L . 30.57 20.59 -14.70
NCO CZ3 L . 29.37 20.90 -14.67
CBG CZ3 L . 28.79 22.08 -15.31
CCI CZ3 L . 28.99 22.14 -16.85
CBC CZ3 L . 30.43 22.56 -17.20
CBA CZ3 L . 30.41 24.08 -17.13
CBE CZ3 L . 29.03 24.42 -17.70
NCM CZ3 L . 28.19 23.27 -17.29
CBY CZ3 L . 26.87 23.25 -17.28
OAI CZ3 L . 26.30 22.22 -16.90
CCK CZ3 L . 26.09 24.49 -17.69
NBO CZ3 L . 24.79 24.10 -18.24
C CZ3 L . 24.53 24.34 -19.51
O CZ3 L . 25.29 24.88 -20.29
CA CZ3 L . 23.15 23.89 -19.97
CB CZ3 L . 23.19 22.40 -20.27
N CZ3 L . 22.81 24.66 -21.17
CAA CZ3 L . 22.51 26.06 -20.79
CCG CZ3 L . 25.88 25.33 -16.42
CAE CZ3 L . 25.11 26.63 -16.65
OBS CZ3 L . 25.15 24.45 -15.57
CAY CZ3 L . 25.15 24.88 -14.22
CAM CZ3 L . 26.18 24.18 -13.44
CAK CZ3 L . 27.00 23.62 -12.72
CAL CZ3 L . 28.10 23.19 -12.00
CAN CZ3 L . 28.94 22.37 -11.50
CAZ CZ3 L . 30.23 21.71 -11.20
OBT CZ3 L . 31.24 22.55 -11.76
CCH CZ3 L . 32.07 23.15 -10.73
CAF CZ3 L . 31.29 23.21 -9.39
CCL CZ3 L . 32.71 24.53 -11.15
NBP CZ3 L . 32.97 25.34 -9.95
CBX CZ3 L . 33.94 25.17 -9.02
OAH CZ3 L . 34.00 25.91 -8.05
CCF CZ3 L . 34.98 24.05 -9.20
CAD CZ3 L . 34.61 22.80 -8.37
NBR CZ3 L . 36.32 24.53 -8.80
CAB CZ3 L . 36.61 24.45 -7.35
CBZ CZ3 L . 31.83 25.27 -12.22
OAJ CZ3 L . 32.14 25.17 -13.40
NCN CZ3 L . 30.73 26.01 -11.92
CBF CZ3 L . 30.16 26.25 -10.60
CBB CZ3 L . 28.64 26.21 -10.86
CBD CZ3 L . 28.48 26.29 -12.39
CCJ CZ3 L . 29.85 26.69 -12.91
CBH CZ3 L . 29.97 28.24 -12.92
NCP CZ3 L . 28.82 28.96 -12.33
NBN CZ3 L . 28.76 29.38 -11.18
NBJ CZ3 L . 27.69 29.95 -10.99
NBL CZ3 L . 26.98 29.94 -12.01
CCD CZ3 L . 27.68 29.31 -12.94
SBV CZ3 L . 27.19 28.99 -14.63
CCB CZ3 L . 25.93 30.23 -14.95
CAW CZ3 L . 24.83 29.91 -15.75
CAS CZ3 L . 23.84 30.87 -16.02
CAP CZ3 L . 23.95 32.15 -15.50
CAT CZ3 L . 25.05 32.49 -14.70
CAX CZ3 L . 26.03 31.53 -14.43
ZN ZN M . 27.58 -7.80 0.79
CAU CZ3 N . 24.47 1.14 -7.22
CAQ CZ3 N . 25.80 1.46 -7.66
CAO CZ3 N . 26.10 1.49 -9.02
CAR CZ3 N . 25.11 1.22 -9.96
CAV CZ3 N . 23.82 0.90 -9.55
CCA CZ3 N . 23.50 0.85 -8.18
SBU CZ3 N . 21.85 0.46 -7.67
CCC CZ3 N . 21.92 -1.27 -7.80
NBK CZ3 N . 22.90 -2.02 -8.25
NBI CZ3 N . 22.48 -3.19 -8.15
NBM CZ3 N . 21.34 -3.21 -7.69
NCO CZ3 N . 20.95 -2.07 -7.46
CBG CZ3 N . 19.65 -1.63 -6.91
CCI CZ3 N . 19.28 -2.33 -5.59
CBC CZ3 N . 18.76 -3.74 -5.87
CBA CZ3 N . 17.50 -3.89 -5.01
CBE CZ3 N . 16.94 -2.48 -4.88
NCM CZ3 N . 18.13 -1.62 -4.99
CBY CZ3 N . 18.18 -0.36 -4.63
OAI CZ3 N . 19.23 0.28 -4.75
CCK CZ3 N . 16.94 0.29 -4.05
NBO CZ3 N . 17.49 1.11 -2.97
C CZ3 N . 17.08 0.93 -1.73
O CZ3 N . 16.22 0.13 -1.37
CA CZ3 N . 17.79 1.82 -0.75
CB CZ3 N . 19.07 1.10 -0.30
N CZ3 N . 16.93 2.07 0.39
CAA CZ3 N . 17.53 3.30 0.94
CCG CZ3 N . 16.22 1.14 -5.11
CAE CZ3 N . 14.80 1.43 -4.65
OBS CZ3 N . 16.93 2.38 -5.40
CAY CZ3 N . 16.78 2.73 -6.82
CAM CZ3 N . 17.35 1.78 -7.81
CAK CZ3 N . 17.57 1.13 -8.88
CAL CZ3 N . 18.25 0.33 -9.85
CAN CZ3 N . 19.09 -0.35 -10.48
CAZ CZ3 N . 20.20 -0.90 -11.32
OBT CZ3 N . 20.11 -2.35 -11.32
CCH CZ3 N . 21.07 -2.99 -12.21
CAF CZ3 N . 22.14 -1.98 -12.69
CCL CZ3 N . 20.44 -3.72 -13.45
NBP CZ3 N . 20.00 -2.74 -14.47
CBX CZ3 N . 19.61 -3.00 -15.73
OAH CZ3 N . 19.27 -2.09 -16.50
CCF CZ3 N . 19.57 -4.47 -16.23
CAD CZ3 N . 20.94 -4.84 -16.81
NBR CZ3 N . 18.53 -4.59 -17.28
CAB CZ3 N . 17.67 -5.76 -17.07
CBZ CZ3 N . 19.28 -4.69 -13.07
OAJ CZ3 N . 19.50 -5.89 -13.11
NCN CZ3 N . 18.03 -4.28 -12.76
CBF CZ3 N . 17.55 -2.90 -12.64
CBB CZ3 N . 16.79 -2.98 -11.32
CBD CZ3 N . 16.02 -4.30 -11.47
CCJ CZ3 N . 16.89 -5.17 -12.39
CBH CZ3 N . 16.12 -5.70 -13.63
NCP CZ3 N . 15.31 -4.72 -14.40
NBN CZ3 N . 15.72 -3.98 -15.30
NBJ CZ3 N . 14.79 -3.30 -15.76
NBL CZ3 N . 13.72 -3.55 -15.19
CCD CZ3 N . 14.01 -4.49 -14.30
SBV CZ3 N . 12.86 -5.24 -13.18
CCB CZ3 N . 12.27 -3.88 -12.23
CAW CZ3 N . 11.13 -4.07 -11.42
CAS CZ3 N . 10.65 -3.01 -10.65
CAP CZ3 N . 11.28 -1.76 -10.69
CAT CZ3 N . 12.41 -1.58 -11.49
CAX CZ3 N . 12.90 -2.63 -12.27
ZN ZN O . 19.47 36.29 1.50
CAU CZ3 P . 19.11 27.44 -7.27
CAQ CZ3 P . 17.73 27.37 -7.63
CAO CZ3 P . 17.36 27.24 -8.98
CAR CZ3 P . 18.34 27.20 -9.97
CAV CZ3 P . 19.69 27.28 -9.61
CCA CZ3 P . 20.08 27.39 -8.27
SBU CZ3 P . 21.81 27.49 -7.85
CCC CZ3 P . 22.13 29.16 -8.31
NBK CZ3 P . 21.23 30.02 -8.75
NBI CZ3 P . 21.83 31.08 -8.98
NBM CZ3 P . 23.04 30.94 -8.75
NCO CZ3 P . 23.27 29.80 -8.33
CBG CZ3 P . 24.60 29.30 -7.95
CCI CZ3 P . 25.17 29.85 -6.62
CBC CZ3 P . 25.30 31.37 -6.57
CBA CZ3 P . 26.71 31.71 -7.06
CBE CZ3 P . 27.51 30.41 -6.99
NCM CZ3 P . 26.55 29.39 -6.54
CBY CZ3 P . 26.84 28.16 -6.14
OAI CZ3 P . 25.90 27.44 -5.79
CCK CZ3 P . 28.25 27.64 -6.07
NBO CZ3 P . 28.18 26.71 -4.96
C CZ3 P . 28.73 26.96 -3.80
O CZ3 P . 29.38 27.96 -3.57
CA CZ3 P . 28.48 25.86 -2.78
CB CZ3 P . 27.22 26.23 -2.02
N CZ3 P . 29.59 25.75 -1.83
CAA CZ3 P . 29.68 27.08 -1.21
CCG CZ3 P . 28.48 26.79 -7.31
CAE CZ3 P . 29.88 26.19 -7.26
OBS CZ3 P . 27.48 25.76 -7.23
CAY CZ3 P . 27.04 25.30 -8.50
CAM CZ3 P . 26.20 26.23 -9.28
CAK CZ3 P . 25.49 26.89 -9.99
CAL CZ3 P . 24.60 27.56 -10.82
CAN CZ3 P . 23.79 28.07 -11.59
CAZ CZ3 P . 22.77 28.69 -12.45
OBT CZ3 P . 23.42 29.53 -13.42
CCH CZ3 P . 24.21 30.59 -12.81
CAF CZ3 P . 23.43 31.90 -12.68
CCL CZ3 P . 25.48 30.80 -13.65
NBP CZ3 P . 25.31 30.10 -14.94
CBX CZ3 P . 25.00 30.66 -16.12
OAH CZ3 P . 24.85 30.00 -17.15
CCF CZ3 P . 24.82 32.19 -16.17
CAD CZ3 P . 23.35 32.60 -16.31
NBR CZ3 P . 25.64 32.75 -17.27
CAB CZ3 P . 24.92 32.78 -18.56
CBZ CZ3 P . 26.73 30.33 -12.83
OAJ CZ3 P . 27.32 31.16 -12.14
NCN CZ3 P . 27.19 29.05 -12.81
CBF CZ3 P . 26.61 27.91 -13.55
CBB CZ3 P . 27.16 26.66 -12.86
CBD CZ3 P . 27.95 27.16 -11.65
CCJ CZ3 P . 28.35 28.59 -12.03
CBH CZ3 P . 29.65 28.59 -12.86
NCP CZ3 P . 30.19 27.25 -13.17
NBN CZ3 P . 30.12 26.69 -14.27
NBJ CZ3 P . 30.68 25.60 -14.22
NBL CZ3 P . 31.16 25.39 -13.10
CCD CZ3 P . 30.87 26.45 -12.36
SBV CZ3 P . 31.31 26.70 -10.64
CCB CZ3 P . 31.36 25.00 -10.15
CAW CZ3 P . 30.18 24.25 -10.03
CAS CZ3 P . 30.20 22.91 -9.64
CAP CZ3 P . 31.42 22.29 -9.38
CAT CZ3 P . 32.60 23.02 -9.51
CAX CZ3 P . 32.58 24.36 -9.89
ZN ZN Q . -27.56 6.93 -2.98
CAU CZ3 R . -25.72 -5.00 -2.68
CAQ CZ3 R . -27.03 -5.48 -3.02
CAO CZ3 R . -27.17 -6.51 -3.97
CAR CZ3 R . -26.04 -7.06 -4.60
CAV CZ3 R . -24.76 -6.58 -4.26
CCA CZ3 R . -24.60 -5.56 -3.32
SBU CZ3 R . -23.00 -4.98 -2.94
CCC CZ3 R . -22.76 -4.12 -4.47
NBK CZ3 R . -23.70 -3.88 -5.36
NBI CZ3 R . -23.17 -3.29 -6.29
NBM CZ3 R . -21.97 -3.11 -6.07
NCO CZ3 R . -21.66 -3.60 -4.99
CBG CZ3 R . -20.31 -3.55 -4.42
CCI CZ3 R . -20.05 -2.09 -3.96
CBC CZ3 R . -19.86 -1.17 -5.19
CBA CZ3 R . -18.40 -0.72 -5.16
CBE CZ3 R . -18.01 -0.84 -3.69
NCM CZ3 R . -18.82 -1.95 -3.16
CBY CZ3 R . -18.47 -2.67 -2.08
OAI CZ3 R . -19.19 -3.58 -1.66
CCK CZ3 R . -17.18 -2.36 -1.35
NBO CZ3 R . -17.41 -2.44 0.11
C CZ3 R . -16.88 -1.55 0.96
O CZ3 R . -16.12 -0.63 0.61
CA CZ3 R . -17.23 -1.74 2.44
CB CZ3 R . -18.54 -1.01 2.73
N CZ3 R . -16.17 -1.17 3.30
CAA CZ3 R . -15.06 -2.14 3.42
CCG CZ3 R . -16.09 -3.32 -1.83
CAE CZ3 R . -14.84 -2.47 -2.09
OBS CZ3 R . -15.85 -4.34 -0.84
CAY CZ3 R . -15.79 -5.65 -1.44
CAM CZ3 R . -17.11 -6.05 -1.95
CAK CZ3 R . -18.20 -6.38 -2.41
CAL CZ3 R . -19.39 -6.74 -3.08
CAN CZ3 R . -20.19 -6.95 -4.10
CAZ CZ3 R . -20.40 -7.68 -5.44
OBT CZ3 R . -19.74 -6.87 -6.45
CCH CZ3 R . -18.29 -7.02 -6.42
CAF CZ3 R . -17.64 -5.78 -5.78
CCL CZ3 R . -17.71 -7.15 -7.84
NBP CZ3 R . -18.45 -8.17 -8.64
CBX CZ3 R . -18.91 -8.02 -9.89
OAH CZ3 R . -19.54 -8.90 -10.48
CCF CZ3 R . -18.61 -6.69 -10.61
CAD CZ3 R . -19.72 -6.42 -11.67
NBR CZ3 R . -17.27 -6.77 -11.25
CAB CZ3 R . -17.26 -6.49 -12.70
CBZ CZ3 R . -16.14 -7.26 -7.80
OAJ CZ3 R . -15.53 -6.41 -8.46
NCN CZ3 R . -15.43 -8.15 -7.05
CBF CZ3 R . -15.96 -9.23 -6.19
CBB CZ3 R . -14.92 -10.37 -6.33
CBD CZ3 R . -13.77 -9.78 -7.17
CCJ CZ3 R . -13.94 -8.29 -6.93
CBH CZ3 R . -13.16 -7.43 -7.96
NCP CZ3 R . -11.70 -7.20 -7.79
NBN CZ3 R . -11.08 -6.61 -8.68
NBJ CZ3 R . -9.89 -6.51 -8.39
NBL CZ3 R . -9.66 -7.02 -7.28
CCD CZ3 R . -10.82 -7.49 -6.83
SBV CZ3 R . -10.98 -8.31 -5.27
CCB CZ3 R . -9.93 -7.34 -4.22
CAW CZ3 R . -10.43 -6.88 -3.00
CAS CZ3 R . -9.63 -6.11 -2.14
CAP CZ3 R . -8.31 -5.81 -2.50
CAT CZ3 R . -7.81 -6.29 -3.71
CAX CZ3 R . -8.60 -7.05 -4.58
ZN ZN S . -18.75 -24.04 28.16
CAU CZ3 T . -18.54 -24.97 15.20
CAQ CZ3 T . -17.44 -25.34 14.33
CAO CZ3 T . -17.68 -25.95 13.09
CAR CZ3 T . -19.00 -26.19 12.69
CAV CZ3 T . -20.07 -25.83 13.52
CCA CZ3 T . -19.84 -25.22 14.77
SBU CZ3 T . -21.23 -24.78 15.80
CCC CZ3 T . -21.67 -26.37 16.39
NBK CZ3 T . -20.84 -27.37 16.61
NBI CZ3 T . -21.52 -28.32 17.01
NBM CZ3 T . -22.73 -28.01 17.06
NCO CZ3 T . -22.87 -26.85 16.71
CBG CZ3 T . -24.17 -26.17 16.63
CCI CZ3 T . -24.62 -25.48 17.92
CBC CZ3 T . -24.89 -26.52 19.01
CBA CZ3 T . -26.12 -25.99 19.74
CBE CZ3 T . -26.96 -25.48 18.57
NCM CZ3 T . -25.93 -24.86 17.71
CBY CZ3 T . -26.17 -23.86 16.85
OAI CZ3 T . -25.25 -23.40 16.17
CCK CZ3 T . -27.59 -23.28 16.70
NBO CZ3 T . -27.47 -21.84 16.95
C CZ3 T . -28.30 -21.17 17.74
O CZ3 T . -29.27 -21.69 18.31
CA CZ3 T . -28.01 -19.65 17.88
CB CZ3 T . -26.51 -19.40 18.19
N CZ3 T . -28.78 -19.09 19.00
CAA CZ3 T . -28.14 -19.54 20.24
CCG CZ3 T . -28.14 -23.60 15.31
CAE CZ3 T . -29.25 -22.62 14.93
OBS CZ3 T . -27.03 -23.49 14.41
CAY CZ3 T . -27.22 -24.00 13.09
CAM CZ3 T . -26.11 -24.95 12.84
CAK CZ3 T . -25.17 -25.73 12.89
CAL CZ3 T . -24.15 -26.70 13.03
CAN CZ3 T . -23.38 -27.55 13.57
CAZ CZ3 T . -22.55 -28.73 13.88
OBT CZ3 T . -23.46 -29.74 14.32
CCH CZ3 T . -23.90 -30.60 13.21
CAF CZ3 T . -23.66 -30.01 11.79
CCL CZ3 T . -25.36 -31.15 13.42
NBP CZ3 T . -25.75 -31.95 12.24
CBX CZ3 T . -25.17 -33.10 11.86
OAH CZ3 T . -25.52 -33.71 10.86
CCF CZ3 T . -24.04 -33.64 12.75
CAD CZ3 T . -22.79 -33.97 11.91
NBR CZ3 T . -24.51 -34.83 13.47
CAB CZ3 T . -24.16 -34.69 14.90
CBZ CZ3 T . -26.39 -30.01 13.75
OAJ CZ3 T . -26.51 -29.65 14.91
NCN CZ3 T . -27.18 -29.41 12.83
CBF CZ3 T . -27.18 -29.67 11.37
CBB CZ3 T . -27.75 -28.39 10.75
CBD CZ3 T . -27.83 -27.39 11.92
CCJ CZ3 T . -28.15 -28.30 13.09
CBH CZ3 T . -29.63 -28.70 13.00
NCP CZ3 T . -30.35 -27.92 11.95
NBN CZ3 T . -30.57 -28.31 10.80
NBJ CZ3 T . -31.18 -27.44 10.19
NBL CZ3 T . -31.40 -26.44 10.89
CCD CZ3 T . -30.87 -26.71 12.07
SBV CZ3 T . -30.83 -25.66 13.51
CCB CZ3 T . -32.15 -24.50 13.35
CAW CZ3 T . -33.01 -24.28 14.42
CAS CZ3 T . -34.05 -23.38 14.33
CAP CZ3 T . -34.24 -22.64 13.15
CAT CZ3 T . -33.38 -22.84 12.07
CAX CZ3 T . -32.33 -23.76 12.16
ZN ZN U . 9.03 -24.96 11.08
CAU CZ3 V . -1.88 -21.61 14.34
CAQ CZ3 V . -2.15 -22.79 15.12
CAO CZ3 V . -2.62 -22.65 16.43
CAR CZ3 V . -2.81 -21.38 16.97
CAV CZ3 V . -2.54 -20.24 16.21
CCA CZ3 V . -2.06 -20.34 14.89
SBU CZ3 V . -1.73 -18.91 13.95
CCC CZ3 V . -0.27 -18.32 14.71
NBK CZ3 V . 0.40 -18.90 15.70
NBI CZ3 V . 1.36 -18.17 15.94
NBM CZ3 V . 1.37 -17.17 15.20
NCO CZ3 V . 0.41 -17.21 14.44
CBG CZ3 V . 0.10 -16.19 13.40
CCI CZ3 V . 1.11 -16.19 12.24
CBC CZ3 V . 2.50 -15.70 12.71
CBA CZ3 V . 2.81 -14.47 11.86
CBE CZ3 V . 1.48 -14.02 11.25
NCM CZ3 V . 0.71 -15.26 11.17
CBY CZ3 V . -0.23 -15.55 10.25
OAI CZ3 V . -0.78 -16.65 10.31
CCK CZ3 V . -0.63 -14.58 9.14
NBO CZ3 V . -1.25 -15.40 8.09
C CZ3 V . -0.78 -15.48 6.85
O CZ3 V . 0.22 -14.87 6.45
CA CZ3 V . -1.55 -16.39 5.90
CB CZ3 V . -1.00 -17.81 5.98
N CZ3 V . -1.42 -15.92 4.53
CAA CZ3 V . -2.35 -14.79 4.30
CCG CZ3 V . -1.64 -13.58 9.69
CAE CZ3 V . -2.12 -12.61 8.60
OBS CZ3 V . -2.76 -14.32 10.23
CAY CZ3 V . -3.00 -13.90 11.59
CAM CZ3 V . -3.14 -15.11 12.53
CAK CZ3 V . -3.23 -15.70 13.67
CAL CZ3 V . -3.44 -16.21 14.96
CAN CZ3 V . -3.44 -16.67 16.10
CAZ CZ3 V . -3.30 -17.16 17.49
OBT CZ3 V . -2.64 -16.20 18.36
CCH CZ3 V . -1.23 -16.03 18.06
CAF CZ3 V . -0.38 -16.67 19.17
CCL CZ3 V . -0.86 -14.54 17.91
NBP CZ3 V . -1.25 -13.76 19.11
CBX CZ3 V . -0.39 -13.08 19.88
OAH CZ3 V . -0.76 -12.45 20.87
CCF CZ3 V . 1.10 -13.10 19.48
CAD CZ3 V . 1.99 -13.29 20.72
NBR CZ3 V . 1.47 -11.84 18.79
CAB CZ3 V . 2.57 -12.04 17.83
CBZ CZ3 V . -1.38 -13.92 16.57
OAJ CZ3 V . -0.57 -13.80 15.66
NCN CZ3 V . -2.65 -13.48 16.35
CBF CZ3 V . -3.77 -13.53 17.31
CBB CZ3 V . -5.02 -13.39 16.44
CBD CZ3 V . -4.56 -12.40 15.37
CCJ CZ3 V . -3.14 -12.90 15.07
CBH CZ3 V . -2.21 -11.78 14.52
NCP CZ3 V . -2.57 -10.41 14.90
NBN CZ3 V . -2.50 -9.94 16.03
NBJ CZ3 V . -2.86 -8.75 16.02
NBL CZ3 V . -3.17 -8.39 14.87
CCD CZ3 V . -2.98 -9.45 14.09
SBV CZ3 V . -3.27 -9.53 12.34
CCB CZ3 V . -4.22 -8.06 12.14
CAW CZ3 V . -3.75 -7.03 11.34
CAS CZ3 V . -4.50 -5.86 11.16
CAP CZ3 V . -5.74 -5.73 11.80
CAT CZ3 V . -6.21 -6.76 12.61
CAX CZ3 V . -5.46 -7.92 12.77
ZN ZN W . -32.28 -25.46 -5.74
CAU CZ3 X . -27.97 -19.99 4.80
CAQ CZ3 X . -28.10 -18.61 5.23
CAO CZ3 X . -28.06 -18.28 6.59
CAR CZ3 X . -27.93 -19.28 7.56
CAV CZ3 X . -27.81 -20.61 7.14
CCA CZ3 X . -27.82 -20.96 5.79
SBU CZ3 X . -27.66 -22.66 5.34
CCC CZ3 X . -29.22 -23.27 5.91
NBK CZ3 X . -30.37 -22.62 5.90
NBI CZ3 X . -31.20 -23.40 6.37
NBM CZ3 X . -30.68 -24.48 6.69
NCO CZ3 X . -29.49 -24.46 6.40
CBG CZ3 X . -28.51 -25.55 6.63
CCI CZ3 X . -28.46 -26.71 5.62
CBC CZ3 X . -29.85 -27.28 5.30
CBA CZ3 X . -29.97 -28.61 6.06
CBE CZ3 X . -28.76 -28.64 7.00
NCM CZ3 X . -27.77 -27.83 6.28
CBY CZ3 X . -26.45 -28.09 6.24
OAI CZ3 X . -25.70 -27.35 5.60
CCK CZ3 X . -25.90 -29.30 7.02
NBO CZ3 X . -24.89 -30.14 6.32
C CZ3 X . -24.97 -30.46 5.03
O CZ3 X . -25.88 -30.08 4.29
CA CZ3 X . -23.86 -31.38 4.45
CB CZ3 X . -22.54 -31.36 5.24
N CZ3 X . -23.63 -31.08 3.02
CAA CZ3 X . -23.49 -29.64 2.72
CCG CZ3 X . -25.32 -28.76 8.32
CAE CZ3 X . -23.92 -28.19 8.09
OBS CZ3 X . -26.22 -27.70 8.71
CAY CZ3 X . -25.53 -26.67 9.41
CAM CZ3 X . -26.55 -25.63 9.51
CAK CZ3 X . -27.40 -24.82 9.61
CAL CZ3 X . -28.37 -23.84 9.57
CAN CZ3 X . -29.16 -22.93 9.41
CAZ CZ3 X . -30.31 -22.04 9.30
OBT CZ3 X . -31.37 -23.00 9.25
CCH CZ3 X . -32.17 -22.96 10.45
CAF CZ3 X . -31.56 -22.06 11.56
CCL CZ3 X . -32.59 -24.39 10.88
NBP CZ3 X . -33.57 -24.28 11.98
CBX CZ3 X . -34.73 -23.59 12.00
OAH CZ3 X . -35.45 -23.56 12.98
CCF CZ3 X . -35.14 -22.84 10.69
CAD CZ3 X . -35.42 -21.36 11.00
NBR CZ3 X . -36.37 -23.43 10.14
CAB CZ3 X . -36.13 -23.99 8.80
CBZ CZ3 X . -31.35 -25.29 11.27
OAJ CZ3 X . -30.77 -25.92 10.38
NCN CZ3 X . -30.91 -25.38 12.55
CBF CZ3 X . -31.53 -24.66 13.67
CBB CZ3 X . -31.55 -25.67 14.81
CBD CZ3 X . -30.38 -26.61 14.50
CCJ CZ3 X . -29.77 -26.14 13.15
CBH CZ3 X . -29.14 -27.36 12.40
NCP CZ3 X . -28.41 -28.27 13.34
NBN CZ3 X . -28.35 -28.11 14.56
NBJ CZ3 X . -27.69 -29.00 15.10
NBL CZ3 X . -27.27 -29.80 14.26
CCD CZ3 X . -27.71 -29.38 13.09
SBV CZ3 X . -27.36 -30.18 11.55
CCB CZ3 X . -25.79 -30.92 11.90
CAW CZ3 X . -25.72 -32.15 12.57
CAS CZ3 X . -24.48 -32.73 12.85
CAP CZ3 X . -23.30 -32.08 12.47
CAT CZ3 X . -23.36 -30.85 11.81
CAX CZ3 X . -24.61 -30.28 11.53
#